data_3DDF
#
_entry.id   3DDF
#
_cell.length_a   68.923
_cell.length_b   109.993
_cell.length_c   138.909
_cell.angle_alpha   90.000
_cell.angle_beta   90.000
_cell.angle_gamma   90.000
#
_symmetry.space_group_name_H-M   'P 21 21 21'
#
loop_
_entity.id
_entity.type
_entity.pdbx_description
1 polymer 'alpha-mannosidase 2'
2 non-polymer 2-acetamido-2-deoxy-beta-D-glucopyranose
3 non-polymer 'ZINC ION'
4 non-polymer (3R,4R,5R)-3,4-dihydroxy-5-({[(1R)-2-hydroxy-1-phenylethyl]amino}methyl)pyrrolidin-2-one
5 non-polymer (4R)-2-METHYLPENTANE-2,4-DIOL
6 non-polymer (4S)-2-METHYL-2,4-PENTANEDIOL
7 water water
#
_entity_poly.entity_id   1
_entity_poly.type   'polypeptide(L)'
_entity_poly.pdbx_seq_one_letter_code
;RSSHHHHHHGEFDDPIRPPLKVARSPRPGQCQDVVQDVPNVDVQMLELYDRMSFKDIDGGVWKQGWNIKYDPLKYNAHHK
LKVFVVPHSHNDPGWIQTFEEYYQHDTKHILSNALRHLHDNPEMKFIWAEISYFARFYHDLGENKKLQMKSIVKNGQLEF
VTGGWVMPDEANSHWRNVLLQLTEGQTWLKQFMNVTPTASWAIDPFGHSPTMPYILQKSGFKNMLIQRTHYSVKKELAQQ
RQLEFLWRQIWDNKGDTALFTHMMPFYSYDIPHTCGPDPKVCCQFDFKRMGSFGLSCPWKVPPRTISDQNVAARSDLLVD
QWKKKAELYRTNVLLIPLGDDFRFKQNTEWDVQRVNYERLFEHINSQAHFNVQAQFGTLQEYFDAVHQAERAGQAEFPTL
SGDFFTYADRSDNYWSGYYTSRPYHKRMDRVLMHYVRAAEMLSAWHSWDGMARIEERLEQARRELSLFQHHDGITGTAKT
HVVVDYEQRMQEALKACQMVMQQSVYRLLTKPSIYSPDFSFSYFTLDDSRWPGSGVEDSRTTIILGEDILPSKHVVMHNT
LPHWREQLVDFYVSSPFVSVTDLANNPVEAQVSPVWSWHHDTLTKTIHPQGSTTKYRIIFKARVPPMGLATYVLTISDSK
PEHTSYASNLLLRKNPTSLPLGQYPEDVKFGDPREISLRVGNGPTLAFSEQGLLKSIQLTQDSPHVPVHFKFLKYGVRSH
GDRSGAYLFLPNGPASPVELGQPVVLVTKGKLESSVSVGLPSVVHQTIMRGGAPEIRNLVDIGSLDNTEIVMRLETHIDS
GDIFYTDLNGLQFIKRRRLDKLPLQANYYPIPSGMFIEDANTRLTLLTGQPLGGSSLASGELEIMQDRRLASDDERGLGQ
GVLDNKPVLHIYRLVLEKVNNCVRPSKLHPAGYLTSAAHKASQSLLDPLDKFIFAENEWIGAQGQFGGDHPSAREDLDVS
VMRRLTKSSAKTQRVGYVLHRTNLMQCGTPEEHTQKLDVCHLLPNVARCERTTLTFLQNLEHLDGMVAPEVCPMETAAYV
SSHSS
;
_entity_poly.pdbx_strand_id   A
#
loop_
_chem_comp.id
_chem_comp.type
_chem_comp.name
_chem_comp.formula
GB6 non-polymer (3R,4R,5R)-3,4-dihydroxy-5-({[(1R)-2-hydroxy-1-phenylethyl]amino}methyl)pyrrolidin-2-one 'C13 H18 N2 O4'
MPD non-polymer (4S)-2-METHYL-2,4-PENTANEDIOL 'C6 H14 O2'
MRD non-polymer (4R)-2-METHYLPENTANE-2,4-DIOL 'C6 H14 O2'
NAG D-saccharide, beta linking 2-acetamido-2-deoxy-beta-D-glucopyranose 'C8 H15 N O6'
ZN non-polymer 'ZINC ION' 'Zn 2'
#
# COMPACT_ATOMS: atom_id res chain seq x y z
N CYS A 31 6.00 -15.83 23.44
CA CYS A 31 5.59 -15.52 22.07
C CYS A 31 4.81 -16.67 21.48
N GLN A 32 3.71 -16.38 20.82
CA GLN A 32 2.90 -17.38 20.15
C GLN A 32 3.68 -17.90 18.94
N ASP A 33 3.50 -19.15 18.65
CA ASP A 33 4.11 -19.81 17.49
C ASP A 33 3.23 -19.52 16.28
N VAL A 34 3.70 -18.87 15.26
CA VAL A 34 2.91 -18.45 14.11
C VAL A 34 2.96 -19.44 12.95
N VAL A 35 3.69 -20.53 13.11
CA VAL A 35 3.89 -21.53 12.09
C VAL A 35 3.19 -22.85 12.32
N GLN A 36 3.29 -23.36 13.52
CA GLN A 36 3.00 -24.79 13.75
C GLN A 36 1.65 -25.04 14.38
N ASP A 37 0.85 -24.06 14.76
CA ASP A 37 -0.44 -24.27 15.36
C ASP A 37 -1.51 -23.65 14.46
N VAL A 38 -2.33 -24.49 13.84
CA VAL A 38 -3.39 -23.97 12.95
C VAL A 38 -4.52 -23.43 13.80
N PRO A 39 -4.89 -22.17 13.70
CA PRO A 39 -5.99 -21.65 14.49
C PRO A 39 -7.31 -22.34 14.19
N ASN A 40 -8.10 -22.48 15.26
CA ASN A 40 -9.46 -23.00 15.15
C ASN A 40 -10.41 -21.84 15.10
N VAL A 41 -10.96 -21.52 13.95
CA VAL A 41 -11.90 -20.42 13.75
C VAL A 41 -13.21 -20.95 13.18
N ASP A 42 -14.29 -20.25 13.42
CA ASP A 42 -15.59 -20.65 12.85
C ASP A 42 -15.64 -20.52 11.35
N VAL A 43 -15.04 -19.45 10.83
CA VAL A 43 -15.02 -19.16 9.39
C VAL A 43 -13.56 -18.90 9.02
N GLN A 44 -13.03 -19.70 8.11
CA GLN A 44 -11.70 -19.49 7.56
C GLN A 44 -11.92 -19.24 6.08
N MET A 45 -11.57 -18.06 5.58
CA MET A 45 -12.03 -17.71 4.25
C MET A 45 -11.51 -18.57 3.12
N LEU A 46 -10.30 -19.13 3.22
CA LEU A 46 -9.83 -20.03 2.16
C LEU A 46 -10.69 -21.31 2.16
N GLU A 47 -11.02 -21.83 3.35
CA GLU A 47 -11.85 -23.04 3.43
C GLU A 47 -13.23 -22.71 2.89
N LEU A 48 -13.78 -21.56 3.24
CA LEU A 48 -15.08 -21.15 2.74
C LEU A 48 -15.14 -21.10 1.24
N TYR A 49 -14.11 -20.51 0.65
CA TYR A 49 -14.01 -20.42 -0.79
C TYR A 49 -13.99 -21.82 -1.46
N ASP A 50 -13.28 -22.73 -0.84
CA ASP A 50 -13.13 -24.10 -1.42
C ASP A 50 -14.53 -24.77 -1.46
N ARG A 51 -15.36 -24.48 -0.49
CA ARG A 51 -16.69 -25.15 -0.34
C ARG A 51 -17.81 -24.45 -1.12
N MET A 52 -17.78 -23.13 -1.19
CA MET A 52 -18.80 -22.30 -1.81
CA MET A 52 -18.83 -22.34 -1.80
C MET A 52 -18.97 -22.55 -3.30
N SER A 53 -20.20 -22.47 -3.82
CA SER A 53 -20.44 -22.67 -5.26
CA SER A 53 -20.34 -22.68 -5.28
C SER A 53 -20.42 -21.40 -6.09
N PHE A 54 -20.66 -20.28 -5.47
CA PHE A 54 -20.62 -18.97 -6.14
C PHE A 54 -21.67 -18.85 -7.23
N LYS A 55 -22.83 -19.51 -7.11
CA LYS A 55 -23.81 -19.40 -8.17
C LYS A 55 -24.49 -18.05 -8.11
N ASP A 56 -24.69 -17.44 -9.26
CA ASP A 56 -25.24 -16.09 -9.38
C ASP A 56 -26.70 -16.20 -9.77
N ILE A 57 -27.52 -16.58 -8.83
CA ILE A 57 -28.93 -16.77 -9.10
C ILE A 57 -29.70 -15.53 -8.66
N ASP A 58 -30.80 -15.35 -9.36
CA ASP A 58 -31.71 -14.24 -9.10
C ASP A 58 -32.46 -14.50 -7.80
N GLY A 59 -32.17 -13.77 -6.74
CA GLY A 59 -32.77 -13.94 -5.44
C GLY A 59 -34.08 -13.21 -5.26
N GLY A 60 -34.57 -12.46 -6.27
CA GLY A 60 -35.80 -11.71 -6.10
C GLY A 60 -35.44 -10.23 -5.92
N VAL A 61 -36.21 -9.53 -5.11
CA VAL A 61 -35.91 -8.11 -4.90
C VAL A 61 -34.53 -7.95 -4.29
N TRP A 62 -34.10 -8.83 -3.43
CA TRP A 62 -32.71 -8.90 -3.00
C TRP A 62 -32.03 -9.75 -4.08
N LYS A 63 -31.46 -9.09 -5.07
CA LYS A 63 -31.09 -9.82 -6.28
C LYS A 63 -30.05 -10.88 -6.01
N GLN A 64 -29.19 -10.64 -5.02
CA GLN A 64 -28.09 -11.56 -4.73
C GLN A 64 -28.30 -12.32 -3.44
N GLY A 65 -29.51 -12.32 -2.94
CA GLY A 65 -29.88 -13.00 -1.71
C GLY A 65 -31.04 -13.96 -1.91
N TRP A 66 -32.04 -13.78 -1.08
CA TRP A 66 -33.26 -14.60 -1.05
C TRP A 66 -34.35 -13.74 -0.45
N ASN A 67 -35.60 -14.24 -0.53
CA ASN A 67 -36.73 -13.55 0.09
C ASN A 67 -36.73 -13.76 1.60
N ILE A 68 -36.31 -12.79 2.38
CA ILE A 68 -36.18 -12.93 3.82
C ILE A 68 -37.56 -12.98 4.48
N LYS A 69 -37.65 -13.96 5.37
CA LYS A 69 -38.88 -14.13 6.13
C LYS A 69 -38.57 -13.87 7.60
N TYR A 70 -39.51 -13.33 8.35
CA TYR A 70 -39.33 -13.14 9.81
C TYR A 70 -40.62 -13.51 10.51
N ASP A 71 -40.48 -13.84 11.79
CA ASP A 71 -41.65 -14.15 12.64
C ASP A 71 -42.05 -12.84 13.31
N PRO A 72 -43.25 -12.38 13.04
CA PRO A 72 -43.66 -11.10 13.63
C PRO A 72 -43.58 -11.12 15.15
N LEU A 73 -43.70 -12.29 15.73
CA LEU A 73 -43.77 -12.38 17.17
C LEU A 73 -42.38 -12.37 17.79
N LYS A 74 -41.29 -12.23 17.03
CA LYS A 74 -39.94 -12.21 17.61
C LYS A 74 -39.71 -11.00 18.52
N TYR A 75 -40.25 -9.87 18.12
CA TYR A 75 -40.11 -8.65 18.89
C TYR A 75 -41.47 -8.45 19.60
N ASN A 76 -41.43 -8.02 20.84
CA ASN A 76 -42.62 -7.82 21.63
C ASN A 76 -42.34 -6.76 22.69
N ALA A 77 -43.28 -6.52 23.60
CA ALA A 77 -43.07 -5.44 24.57
C ALA A 77 -41.80 -5.65 25.38
N HIS A 78 -41.39 -6.91 25.57
CA HIS A 78 -40.27 -7.17 26.46
C HIS A 78 -38.98 -7.33 25.67
N HIS A 79 -39.05 -7.19 24.35
CA HIS A 79 -37.93 -7.47 23.50
C HIS A 79 -38.13 -6.70 22.20
N LYS A 80 -37.71 -5.44 22.22
CA LYS A 80 -37.93 -4.53 21.14
C LYS A 80 -36.72 -4.53 20.20
N LEU A 81 -36.99 -4.15 18.95
CA LEU A 81 -35.91 -3.91 18.01
C LEU A 81 -35.45 -2.46 18.13
N LYS A 82 -34.18 -2.26 18.45
CA LYS A 82 -33.58 -0.94 18.59
CA LYS A 82 -33.60 -0.93 18.58
C LYS A 82 -32.90 -0.60 17.27
N VAL A 83 -33.34 0.47 16.62
CA VAL A 83 -32.84 0.85 15.29
C VAL A 83 -32.10 2.18 15.34
N PHE A 84 -30.83 2.14 14.89
CA PHE A 84 -29.98 3.34 14.83
C PHE A 84 -29.83 3.73 13.38
N VAL A 85 -30.42 4.89 13.02
CA VAL A 85 -30.26 5.46 11.69
C VAL A 85 -29.08 6.42 11.73
N VAL A 86 -28.03 6.13 10.99
CA VAL A 86 -26.73 6.82 11.14
C VAL A 86 -26.47 7.66 9.88
N PRO A 87 -26.73 8.97 9.93
CA PRO A 87 -26.48 9.84 8.76
C PRO A 87 -25.00 9.97 8.44
N HIS A 88 -24.66 9.93 7.17
CA HIS A 88 -23.26 9.97 6.75
C HIS A 88 -23.17 10.58 5.37
N SER A 89 -21.92 10.96 5.01
CA SER A 89 -21.64 11.59 3.72
C SER A 89 -20.28 11.10 3.25
N HIS A 90 -20.25 10.34 2.15
CA HIS A 90 -18.97 9.76 1.73
C HIS A 90 -18.24 10.80 0.88
N ASN A 91 -17.10 11.28 1.37
CA ASN A 91 -16.37 12.38 0.71
C ASN A 91 -15.03 11.90 0.21
N ASP A 92 -14.94 11.56 -1.07
CA ASP A 92 -13.73 11.10 -1.68
C ASP A 92 -12.70 12.17 -1.80
N PRO A 93 -11.51 12.03 -1.21
CA PRO A 93 -10.40 13.01 -1.39
C PRO A 93 -9.74 12.90 -2.75
N GLY A 94 -10.51 13.22 -3.78
CA GLY A 94 -10.17 13.09 -5.18
C GLY A 94 -10.84 11.88 -5.81
N TRP A 95 -11.38 12.05 -7.02
CA TRP A 95 -11.93 10.96 -7.81
C TRP A 95 -12.26 11.50 -9.20
N ILE A 96 -13.41 12.10 -9.36
N ILE A 96 -13.44 12.08 -9.36
CA ILE A 96 -13.86 12.78 -10.60
CA ILE A 96 -13.69 12.69 -10.67
C ILE A 96 -13.38 14.23 -10.63
C ILE A 96 -13.41 14.18 -10.59
N GLN A 97 -13.13 14.80 -9.45
N GLN A 97 -13.11 14.70 -9.40
CA GLN A 97 -12.55 16.13 -9.26
CA GLN A 97 -12.61 16.05 -9.16
C GLN A 97 -11.36 15.93 -8.32
C GLN A 97 -11.38 15.94 -8.26
N THR A 98 -10.50 16.94 -8.26
CA THR A 98 -9.39 16.91 -7.29
C THR A 98 -9.90 17.15 -5.90
N PHE A 99 -9.04 16.86 -4.91
CA PHE A 99 -9.30 17.19 -3.54
C PHE A 99 -9.80 18.62 -3.41
N GLU A 100 -9.05 19.59 -3.97
CA GLU A 100 -9.39 20.99 -3.73
C GLU A 100 -10.68 21.36 -4.46
N GLU A 101 -10.89 20.80 -5.66
CA GLU A 101 -12.14 21.05 -6.38
C GLU A 101 -13.36 20.55 -5.60
N TYR A 102 -13.30 19.33 -5.11
CA TYR A 102 -14.43 18.83 -4.28
C TYR A 102 -14.59 19.67 -3.01
N TYR A 103 -13.46 20.06 -2.40
CA TYR A 103 -13.55 20.85 -1.19
C TYR A 103 -14.37 22.12 -1.46
N GLN A 104 -13.99 22.82 -2.55
CA GLN A 104 -14.65 24.10 -2.85
C GLN A 104 -16.07 23.92 -3.29
N HIS A 105 -16.38 22.87 -4.08
CA HIS A 105 -17.71 22.74 -4.67
C HIS A 105 -18.71 22.02 -3.78
N ASP A 106 -18.20 21.12 -2.90
CA ASP A 106 -19.06 20.22 -2.15
C ASP A 106 -18.72 20.19 -0.67
N THR A 107 -17.52 19.74 -0.29
CA THR A 107 -17.25 19.40 1.09
C THR A 107 -17.30 20.58 2.05
N LYS A 108 -16.85 21.75 1.63
CA LYS A 108 -16.88 22.86 2.58
C LYS A 108 -18.34 23.22 2.90
N HIS A 109 -19.24 23.03 1.94
CA HIS A 109 -20.66 23.30 2.16
C HIS A 109 -21.32 22.23 3.04
N ILE A 110 -20.95 20.97 2.81
CA ILE A 110 -21.42 19.87 3.64
C ILE A 110 -21.05 20.13 5.08
N LEU A 111 -19.78 20.47 5.34
CA LEU A 111 -19.37 20.65 6.74
C LEU A 111 -19.93 21.89 7.35
N SER A 112 -20.06 23.01 6.60
CA SER A 112 -20.64 24.23 7.13
CA SER A 112 -20.66 24.25 7.07
C SER A 112 -22.11 24.02 7.50
N ASN A 113 -22.82 23.32 6.64
CA ASN A 113 -24.23 23.07 6.88
C ASN A 113 -24.43 21.98 7.94
N ALA A 114 -23.52 21.03 8.05
CA ALA A 114 -23.58 20.07 9.17
C ALA A 114 -23.42 20.81 10.50
N LEU A 115 -22.47 21.75 10.55
CA LEU A 115 -22.31 22.49 11.80
C LEU A 115 -23.57 23.20 12.19
N ARG A 116 -24.15 23.89 11.22
CA ARG A 116 -25.37 24.66 11.51
C ARG A 116 -26.53 23.73 11.90
N HIS A 117 -26.78 22.67 11.12
N HIS A 117 -26.73 22.68 11.11
CA HIS A 117 -27.98 21.88 11.35
CA HIS A 117 -27.94 21.88 11.29
C HIS A 117 -27.85 21.07 12.62
C HIS A 117 -27.83 21.05 12.56
N LEU A 118 -26.65 20.55 12.90
CA LEU A 118 -26.47 19.81 14.15
C LEU A 118 -26.59 20.78 15.31
N HIS A 119 -25.99 21.96 15.23
CA HIS A 119 -26.13 22.93 16.29
C HIS A 119 -27.61 23.20 16.61
N ASP A 120 -28.40 23.39 15.59
CA ASP A 120 -29.79 23.80 15.77
C ASP A 120 -30.76 22.65 16.04
N ASN A 121 -30.35 21.39 15.85
CA ASN A 121 -31.22 20.23 16.00
C ASN A 121 -30.53 19.19 16.89
N PRO A 122 -30.68 19.31 18.21
CA PRO A 122 -29.87 18.52 19.13
C PRO A 122 -29.96 17.02 19.02
N GLU A 123 -31.05 16.48 18.47
CA GLU A 123 -31.15 15.02 18.34
C GLU A 123 -30.60 14.49 17.02
N MET A 124 -30.26 15.39 16.08
CA MET A 124 -29.66 14.95 14.84
C MET A 124 -28.22 14.50 15.09
N LYS A 125 -27.74 13.55 14.32
CA LYS A 125 -26.42 12.95 14.43
C LYS A 125 -25.79 12.89 13.04
N PHE A 126 -24.45 12.75 13.02
CA PHE A 126 -23.69 12.67 11.73
C PHE A 126 -22.33 12.05 12.06
N ILE A 127 -21.86 11.19 11.17
CA ILE A 127 -20.51 10.65 11.28
C ILE A 127 -19.63 11.18 10.16
N TRP A 128 -18.32 11.27 10.48
CA TRP A 128 -17.34 11.85 9.55
C TRP A 128 -16.12 10.98 9.53
N ALA A 129 -15.61 10.61 8.34
CA ALA A 129 -14.47 9.72 8.19
C ALA A 129 -13.18 10.40 7.75
N GLU A 130 -13.20 11.34 6.80
CA GLU A 130 -11.97 11.72 6.06
C GLU A 130 -11.40 13.01 6.70
N ILE A 131 -10.34 12.83 7.50
CA ILE A 131 -9.80 13.96 8.26
C ILE A 131 -9.04 14.96 7.38
N SER A 132 -8.53 14.52 6.22
CA SER A 132 -7.93 15.48 5.28
C SER A 132 -8.87 16.65 5.00
N TYR A 133 -10.14 16.32 4.70
CA TYR A 133 -11.14 17.34 4.47
C TYR A 133 -11.49 18.10 5.74
N PHE A 134 -11.68 17.39 6.84
CA PHE A 134 -12.07 18.08 8.05
C PHE A 134 -11.03 19.07 8.51
N ALA A 135 -9.75 18.71 8.46
CA ALA A 135 -8.67 19.62 8.83
C ALA A 135 -8.64 20.84 7.89
N ARG A 136 -8.84 20.65 6.58
CA ARG A 136 -8.89 21.72 5.58
C ARG A 136 -9.97 22.71 5.97
N PHE A 137 -11.15 22.20 6.37
CA PHE A 137 -12.27 23.03 6.77
C PHE A 137 -12.04 23.77 8.06
N TYR A 138 -11.63 23.01 9.09
CA TYR A 138 -11.57 23.55 10.44
C TYR A 138 -10.56 24.68 10.51
N HIS A 139 -9.44 24.53 9.81
CA HIS A 139 -8.43 25.58 9.91
C HIS A 139 -8.95 26.85 9.28
N ASP A 140 -9.92 26.85 8.38
CA ASP A 140 -10.43 28.05 7.77
C ASP A 140 -11.60 28.67 8.51
N LEU A 141 -12.08 28.01 9.55
CA LEU A 141 -13.16 28.50 10.37
C LEU A 141 -12.74 29.62 11.31
N GLY A 142 -13.59 30.62 11.50
CA GLY A 142 -13.40 31.58 12.57
C GLY A 142 -13.48 30.92 13.93
N GLU A 143 -12.95 31.60 14.93
CA GLU A 143 -12.91 31.03 16.26
C GLU A 143 -14.28 30.73 16.82
N ASN A 144 -15.28 31.56 16.58
CA ASN A 144 -16.64 31.26 17.11
C ASN A 144 -17.16 29.94 16.59
N LYS A 145 -17.02 29.69 15.30
CA LYS A 145 -17.42 28.44 14.68
C LYS A 145 -16.54 27.26 15.09
N LYS A 146 -15.23 27.47 15.28
CA LYS A 146 -14.42 26.38 15.81
C LYS A 146 -14.95 25.94 17.15
N LEU A 147 -15.32 26.85 18.02
CA LEU A 147 -15.88 26.51 19.33
C LEU A 147 -17.22 25.79 19.17
N GLN A 148 -18.07 26.22 18.25
CA GLN A 148 -19.34 25.53 18.04
C GLN A 148 -19.09 24.11 17.55
N MET A 149 -18.11 23.93 16.68
CA MET A 149 -17.74 22.61 16.15
C MET A 149 -17.23 21.72 17.26
N LYS A 150 -16.33 22.24 18.11
CA LYS A 150 -15.82 21.43 19.22
C LYS A 150 -16.98 20.97 20.11
N SER A 151 -18.00 21.82 20.30
CA SER A 151 -19.12 21.50 21.18
CA SER A 151 -19.11 21.49 21.19
C SER A 151 -19.99 20.38 20.63
N ILE A 152 -20.27 20.35 19.33
CA ILE A 152 -21.10 19.27 18.76
C ILE A 152 -20.33 17.97 18.68
N VAL A 153 -18.98 18.01 18.69
CA VAL A 153 -18.18 16.79 18.82
C VAL A 153 -18.20 16.33 20.27
N LYS A 154 -17.97 17.25 21.20
CA LYS A 154 -17.87 16.86 22.60
C LYS A 154 -19.17 16.28 23.12
N ASN A 155 -20.29 16.80 22.64
CA ASN A 155 -21.62 16.34 23.04
CA ASN A 155 -21.56 16.27 23.19
C ASN A 155 -22.16 15.13 22.26
N GLY A 156 -21.36 14.63 21.35
CA GLY A 156 -21.74 13.39 20.69
C GLY A 156 -22.56 13.49 19.45
N GLN A 157 -22.89 14.68 18.94
CA GLN A 157 -23.73 14.76 17.73
C GLN A 157 -22.93 14.47 16.47
N LEU A 158 -21.72 15.00 16.36
CA LEU A 158 -20.83 14.74 15.23
CA LEU A 158 -20.80 14.76 15.28
C LEU A 158 -19.77 13.78 15.77
N GLU A 159 -19.65 12.62 15.16
CA GLU A 159 -18.72 11.59 15.60
C GLU A 159 -17.77 11.21 14.49
N PHE A 160 -16.49 11.24 14.79
CA PHE A 160 -15.47 10.78 13.85
C PHE A 160 -15.41 9.26 13.90
N VAL A 161 -15.34 8.69 12.71
CA VAL A 161 -15.23 7.26 12.48
C VAL A 161 -13.91 7.00 11.74
N THR A 162 -13.11 6.08 12.27
CA THR A 162 -11.76 5.77 11.89
C THR A 162 -10.82 6.93 12.24
N GLY A 163 -11.01 8.09 11.65
CA GLY A 163 -10.17 9.23 11.93
C GLY A 163 -8.85 9.23 11.17
N GLY A 164 -8.73 8.44 10.10
CA GLY A 164 -7.59 8.56 9.22
C GLY A 164 -7.67 9.78 8.34
N TRP A 165 -6.50 10.13 7.77
CA TRP A 165 -6.48 11.20 6.75
C TRP A 165 -7.45 10.88 5.62
N VAL A 166 -7.53 9.62 5.24
CA VAL A 166 -8.39 9.12 4.17
C VAL A 166 -9.08 7.84 4.66
N MET A 167 -9.87 7.24 3.79
CA MET A 167 -10.35 5.86 3.90
C MET A 167 -9.52 5.09 2.89
N PRO A 168 -8.45 4.42 3.32
CA PRO A 168 -7.48 3.94 2.32
C PRO A 168 -7.96 2.73 1.56
N ASP A 169 -7.40 2.61 0.36
CA ASP A 169 -7.34 1.33 -0.33
C ASP A 169 -6.75 0.30 0.60
N GLU A 170 -7.23 -0.96 0.52
CA GLU A 170 -6.71 -2.06 1.32
C GLU A 170 -5.94 -3.09 0.51
N ALA A 171 -5.94 -2.99 -0.83
CA ALA A 171 -5.28 -3.95 -1.67
C ALA A 171 -3.83 -3.60 -1.99
N ASN A 172 -3.60 -2.37 -2.44
CA ASN A 172 -2.28 -1.94 -2.93
C ASN A 172 -1.42 -1.24 -1.88
N SER A 173 -2.08 -0.75 -0.85
CA SER A 173 -1.40 0.02 0.17
CA SER A 173 -1.41 0.03 0.18
C SER A 173 -0.43 -0.79 1.01
N HIS A 174 0.69 -0.18 1.32
CA HIS A 174 1.61 -0.83 2.26
C HIS A 174 1.14 -0.54 3.69
N TRP A 175 1.26 -1.55 4.56
CA TRP A 175 0.82 -1.34 5.95
C TRP A 175 1.48 -0.13 6.58
N ARG A 176 2.72 0.19 6.23
CA ARG A 176 3.39 1.34 6.81
C ARG A 176 2.66 2.63 6.47
N ASN A 177 2.13 2.72 5.25
CA ASN A 177 1.39 3.91 4.84
C ASN A 177 -0.04 3.93 5.34
N VAL A 178 -0.65 2.76 5.54
CA VAL A 178 -1.95 2.72 6.20
C VAL A 178 -1.78 3.29 7.62
N LEU A 179 -0.73 2.88 8.34
CA LEU A 179 -0.44 3.43 9.66
C LEU A 179 -0.13 4.90 9.58
N LEU A 180 0.65 5.33 8.61
CA LEU A 180 1.02 6.74 8.45
C LEU A 180 -0.23 7.60 8.37
N GLN A 181 -1.17 7.24 7.48
CA GLN A 181 -2.32 8.10 7.26
C GLN A 181 -3.27 8.06 8.48
N LEU A 182 -3.38 6.88 9.11
CA LEU A 182 -4.20 6.78 10.29
C LEU A 182 -3.66 7.71 11.38
N THR A 183 -2.31 7.69 11.54
CA THR A 183 -1.66 8.54 12.52
C THR A 183 -1.83 10.00 12.20
N GLU A 184 -1.73 10.36 10.92
CA GLU A 184 -1.88 11.77 10.53
C GLU A 184 -3.25 12.29 10.92
N GLY A 185 -4.29 11.55 10.60
CA GLY A 185 -5.62 11.99 10.99
C GLY A 185 -5.88 11.97 12.46
N GLN A 186 -5.46 10.91 13.12
CA GLN A 186 -5.80 10.80 14.57
C GLN A 186 -4.97 11.79 15.39
N THR A 187 -3.75 12.11 14.97
CA THR A 187 -2.96 13.09 15.71
C THR A 187 -3.62 14.45 15.60
N TRP A 188 -4.15 14.79 14.42
CA TRP A 188 -4.92 16.01 14.22
C TRP A 188 -6.13 16.03 15.12
N LEU A 189 -6.90 14.95 15.13
CA LEU A 189 -8.11 14.88 15.94
C LEU A 189 -7.80 15.03 17.42
N LYS A 190 -6.75 14.40 17.91
CA LYS A 190 -6.42 14.54 19.32
C LYS A 190 -6.11 15.99 19.65
N GLN A 191 -5.28 16.62 18.85
CA GLN A 191 -4.85 17.99 19.12
C GLN A 191 -6.01 18.95 19.08
N PHE A 192 -6.87 18.87 18.07
CA PHE A 192 -7.85 19.93 17.82
C PHE A 192 -9.24 19.57 18.30
N MET A 193 -9.64 18.33 18.32
CA MET A 193 -10.96 17.90 18.74
CA MET A 193 -10.97 17.95 18.77
C MET A 193 -10.99 17.13 20.04
N ASN A 194 -9.82 16.75 20.58
CA ASN A 194 -9.72 16.02 21.80
C ASN A 194 -10.51 14.71 21.78
N VAL A 195 -10.43 13.98 20.67
CA VAL A 195 -11.07 12.67 20.56
CA VAL A 195 -11.08 12.70 20.54
C VAL A 195 -10.19 11.73 19.76
N THR A 196 -10.32 10.45 20.06
CA THR A 196 -9.62 9.36 19.31
C THR A 196 -10.67 8.26 19.03
N PRO A 197 -11.06 8.14 17.77
CA PRO A 197 -12.08 7.13 17.42
C PRO A 197 -11.58 5.71 17.78
N THR A 198 -12.52 4.88 18.20
CA THR A 198 -12.30 3.49 18.47
C THR A 198 -13.17 2.58 17.59
N ALA A 199 -13.97 3.16 16.70
CA ALA A 199 -14.78 2.44 15.71
C ALA A 199 -14.30 2.90 14.31
N SER A 200 -14.11 1.96 13.42
CA SER A 200 -13.70 2.20 12.05
C SER A 200 -14.85 2.01 11.08
N TRP A 201 -14.86 2.81 10.05
CA TRP A 201 -15.91 2.84 8.98
C TRP A 201 -15.20 2.79 7.62
N ALA A 202 -15.34 1.67 6.92
CA ALA A 202 -14.69 1.45 5.62
C ALA A 202 -15.72 0.92 4.63
N ILE A 203 -16.55 1.86 4.10
CA ILE A 203 -17.69 1.49 3.25
C ILE A 203 -17.33 1.34 1.78
N ASP A 204 -16.16 1.84 1.34
CA ASP A 204 -15.85 1.88 -0.09
C ASP A 204 -14.58 1.20 -0.57
N PRO A 205 -13.55 0.83 0.18
CA PRO A 205 -12.42 0.11 -0.44
C PRO A 205 -12.88 -1.13 -1.17
N PHE A 206 -12.19 -1.46 -2.27
CA PHE A 206 -12.73 -2.46 -3.21
C PHE A 206 -12.25 -3.87 -2.82
N GLY A 207 -12.85 -4.36 -1.76
CA GLY A 207 -12.36 -5.56 -1.06
C GLY A 207 -11.60 -5.13 0.20
N HIS A 208 -11.45 -6.09 1.12
CA HIS A 208 -10.93 -5.77 2.44
C HIS A 208 -9.86 -6.70 2.90
N SER A 209 -8.89 -6.12 3.64
CA SER A 209 -7.71 -6.81 4.11
C SER A 209 -7.66 -6.96 5.62
N PRO A 210 -7.18 -8.08 6.13
CA PRO A 210 -6.99 -8.24 7.59
C PRO A 210 -5.87 -7.37 8.12
N THR A 211 -5.08 -6.71 7.31
CA THR A 211 -4.11 -5.74 7.81
C THR A 211 -4.82 -4.62 8.56
N MET A 212 -6.05 -4.30 8.16
CA MET A 212 -6.78 -3.25 8.84
CA MET A 212 -6.76 -3.22 8.84
C MET A 212 -7.07 -3.60 10.29
N PRO A 213 -7.76 -4.70 10.61
CA PRO A 213 -7.94 -4.99 12.04
C PRO A 213 -6.63 -5.16 12.76
N TYR A 214 -5.58 -5.67 12.09
CA TYR A 214 -4.27 -5.79 12.74
C TYR A 214 -3.79 -4.43 13.26
N ILE A 215 -3.78 -3.43 12.39
CA ILE A 215 -3.30 -2.09 12.78
C ILE A 215 -4.27 -1.44 13.76
N LEU A 216 -5.58 -1.53 13.46
CA LEU A 216 -6.59 -0.87 14.28
C LEU A 216 -6.57 -1.42 15.68
N GLN A 217 -6.51 -2.73 15.86
CA GLN A 217 -6.52 -3.30 17.22
C GLN A 217 -5.30 -2.90 18.03
N LYS A 218 -4.18 -2.65 17.38
CA LYS A 218 -2.97 -2.15 18.02
C LYS A 218 -2.94 -0.63 18.14
N SER A 219 -4.03 0.02 17.77
CA SER A 219 -4.19 1.48 17.82
C SER A 219 -5.42 1.88 18.63
N GLY A 220 -5.85 0.98 19.53
CA GLY A 220 -6.92 1.28 20.46
C GLY A 220 -8.32 0.96 20.01
N PHE A 221 -8.50 0.49 18.77
CA PHE A 221 -9.85 0.27 18.28
C PHE A 221 -10.51 -0.94 18.92
N LYS A 222 -11.83 -0.87 18.98
CA LYS A 222 -12.68 -1.93 19.50
CA LYS A 222 -12.64 -1.95 19.50
C LYS A 222 -13.61 -2.49 18.48
N ASN A 223 -13.91 -1.80 17.36
CA ASN A 223 -14.92 -2.23 16.41
C ASN A 223 -14.57 -1.70 15.02
N MET A 224 -14.97 -2.41 14.00
CA MET A 224 -14.81 -1.93 12.61
C MET A 224 -15.98 -2.39 11.77
N LEU A 225 -16.22 -1.68 10.68
CA LEU A 225 -17.25 -1.93 9.69
C LEU A 225 -16.65 -1.97 8.28
N ILE A 226 -17.12 -2.92 7.48
CA ILE A 226 -16.73 -3.13 6.09
C ILE A 226 -17.98 -3.32 5.24
N GLN A 227 -17.84 -3.16 3.92
CA GLN A 227 -18.93 -3.23 2.99
C GLN A 227 -18.63 -4.00 1.71
N ARG A 228 -17.54 -3.72 1.00
CA ARG A 228 -17.37 -4.28 -0.35
C ARG A 228 -16.71 -5.64 -0.26
N THR A 229 -17.56 -6.64 -0.11
CA THR A 229 -17.15 -8.02 -0.18
C THR A 229 -18.00 -8.73 -1.24
N HIS A 230 -17.44 -9.81 -1.78
CA HIS A 230 -18.10 -10.53 -2.89
C HIS A 230 -19.54 -10.83 -2.56
N TYR A 231 -20.45 -10.60 -3.48
CA TYR A 231 -21.86 -10.86 -3.26
C TYR A 231 -22.10 -12.29 -2.78
N SER A 232 -21.35 -13.27 -3.23
CA SER A 232 -21.58 -14.65 -2.77
C SER A 232 -21.18 -14.81 -1.30
N VAL A 233 -20.15 -14.12 -0.84
CA VAL A 233 -19.73 -14.13 0.54
C VAL A 233 -20.83 -13.51 1.41
N LYS A 234 -21.40 -12.37 0.99
CA LYS A 234 -22.48 -11.77 1.74
C LYS A 234 -23.63 -12.78 1.91
N LYS A 235 -24.00 -13.45 0.81
CA LYS A 235 -25.11 -14.39 0.92
C LYS A 235 -24.82 -15.53 1.87
N GLU A 236 -23.63 -16.11 1.77
CA GLU A 236 -23.27 -17.23 2.62
C GLU A 236 -23.22 -16.85 4.08
N LEU A 237 -22.55 -15.73 4.39
CA LEU A 237 -22.45 -15.31 5.78
C LEU A 237 -23.82 -14.90 6.29
N ALA A 238 -24.64 -14.21 5.49
CA ALA A 238 -25.95 -13.81 5.95
C ALA A 238 -26.78 -15.03 6.33
N GLN A 239 -26.73 -16.10 5.55
CA GLN A 239 -27.52 -17.32 5.83
C GLN A 239 -27.17 -17.90 7.19
N GLN A 240 -25.94 -17.75 7.63
CA GLN A 240 -25.46 -18.31 8.90
C GLN A 240 -25.42 -17.26 10.02
N ARG A 241 -25.89 -16.05 9.75
CA ARG A 241 -25.78 -14.93 10.67
C ARG A 241 -24.32 -14.77 11.14
N GLN A 242 -23.40 -14.76 10.18
CA GLN A 242 -21.97 -14.62 10.45
C GLN A 242 -21.44 -13.31 9.85
N LEU A 243 -22.31 -12.28 9.70
CA LEU A 243 -21.89 -11.00 9.17
C LEU A 243 -21.25 -10.13 10.23
N GLU A 244 -21.42 -10.46 11.52
CA GLU A 244 -20.65 -9.86 12.62
C GLU A 244 -19.77 -10.94 13.16
N PHE A 245 -18.47 -10.68 13.26
CA PHE A 245 -17.50 -11.69 13.62
C PHE A 245 -16.31 -11.04 14.31
N LEU A 246 -15.57 -11.87 15.04
CA LEU A 246 -14.31 -11.48 15.67
C LEU A 246 -13.22 -11.81 14.67
N TRP A 247 -12.68 -10.80 14.01
CA TRP A 247 -11.73 -11.01 12.92
C TRP A 247 -10.31 -11.08 13.47
N ARG A 248 -9.68 -12.23 13.45
CA ARG A 248 -8.33 -12.43 13.91
C ARG A 248 -7.40 -12.68 12.75
N GLN A 249 -6.11 -12.52 12.97
CA GLN A 249 -5.13 -12.83 11.93
C GLN A 249 -5.06 -14.31 11.67
N ILE A 250 -4.65 -14.67 10.45
CA ILE A 250 -4.66 -16.06 9.99
C ILE A 250 -3.73 -16.93 10.79
N TRP A 251 -2.71 -16.41 11.42
CA TRP A 251 -1.72 -17.24 12.18
C TRP A 251 -2.03 -17.22 13.70
N ASP A 252 -3.09 -16.50 14.13
CA ASP A 252 -3.27 -16.22 15.56
C ASP A 252 -4.05 -17.30 16.25
N ASN A 253 -3.38 -18.20 16.94
CA ASN A 253 -4.00 -19.33 17.61
CA ASN A 253 -4.09 -19.32 17.56
C ASN A 253 -4.87 -18.90 18.79
N LYS A 254 -4.38 -17.92 19.56
CA LYS A 254 -5.02 -17.54 20.82
C LYS A 254 -6.19 -16.58 20.65
N GLY A 255 -6.11 -15.73 19.63
CA GLY A 255 -7.14 -14.73 19.38
C GLY A 255 -6.87 -13.33 19.89
N ASP A 256 -5.67 -13.02 20.34
CA ASP A 256 -5.43 -11.67 20.91
C ASP A 256 -5.46 -10.53 19.86
N THR A 257 -5.33 -10.88 18.59
CA THR A 257 -5.47 -9.89 17.54
C THR A 257 -6.92 -9.59 17.16
N ALA A 258 -7.89 -10.33 17.73
CA ALA A 258 -9.26 -10.22 17.22
C ALA A 258 -9.85 -8.82 17.35
N LEU A 259 -10.60 -8.41 16.36
CA LEU A 259 -11.35 -7.16 16.36
C LEU A 259 -12.76 -7.41 15.88
N PHE A 260 -13.76 -6.98 16.66
CA PHE A 260 -15.14 -7.10 16.25
C PHE A 260 -15.40 -6.35 14.95
N THR A 261 -15.96 -7.05 13.99
CA THR A 261 -16.21 -6.56 12.66
C THR A 261 -17.65 -6.76 12.24
N HIS A 262 -18.24 -5.70 11.71
CA HIS A 262 -19.57 -5.74 11.09
C HIS A 262 -19.43 -5.66 9.57
N MET A 263 -19.90 -6.64 8.85
CA MET A 263 -20.01 -6.60 7.40
C MET A 263 -21.43 -6.23 7.03
N MET A 264 -21.62 -5.17 6.27
CA MET A 264 -22.89 -4.78 5.72
CA MET A 264 -22.93 -4.83 5.76
C MET A 264 -23.35 -5.85 4.72
N PRO A 265 -24.67 -6.08 4.58
CA PRO A 265 -25.11 -7.27 3.84
C PRO A 265 -25.45 -7.13 2.38
N PHE A 266 -25.61 -5.89 1.87
CA PHE A 266 -26.23 -5.62 0.58
C PHE A 266 -25.22 -5.04 -0.41
N TYR A 267 -25.74 -4.70 -1.58
CA TYR A 267 -24.88 -4.44 -2.73
C TYR A 267 -24.13 -3.06 -2.64
N SER A 268 -24.71 -2.11 -1.92
CA SER A 268 -24.13 -0.77 -1.82
C SER A 268 -24.32 -0.23 -0.42
N TYR A 269 -23.58 0.84 -0.12
CA TYR A 269 -23.81 1.65 1.05
C TYR A 269 -24.83 2.75 0.88
N ASP A 270 -25.40 2.97 -0.28
CA ASP A 270 -26.35 4.00 -0.61
C ASP A 270 -27.67 3.70 0.07
N ILE A 271 -28.57 4.68 0.09
CA ILE A 271 -29.83 4.51 0.85
C ILE A 271 -30.67 3.36 0.31
N PRO A 272 -30.81 3.19 -1.01
CA PRO A 272 -31.57 2.03 -1.52
C PRO A 272 -31.08 0.69 -1.05
N HIS A 273 -29.81 0.56 -0.69
CA HIS A 273 -29.25 -0.72 -0.27
C HIS A 273 -28.87 -0.79 1.20
N THR A 274 -29.46 0.14 2.02
CA THR A 274 -29.12 0.12 3.44
C THR A 274 -30.34 0.05 4.36
N CYS A 275 -31.58 0.23 3.89
CA CYS A 275 -32.73 0.12 4.80
C CYS A 275 -33.18 -1.33 4.98
N GLY A 276 -32.84 -2.23 4.05
CA GLY A 276 -33.43 -3.55 3.95
C GLY A 276 -33.17 -4.15 2.58
N PRO A 277 -33.70 -5.33 2.36
CA PRO A 277 -33.34 -6.10 1.14
C PRO A 277 -33.97 -5.61 -0.15
N ASP A 278 -35.01 -4.78 -0.13
CA ASP A 278 -35.69 -4.37 -1.37
C ASP A 278 -35.39 -2.93 -1.75
N PRO A 279 -34.48 -2.71 -2.72
CA PRO A 279 -34.09 -1.33 -3.04
C PRO A 279 -35.26 -0.52 -3.58
N LYS A 280 -36.26 -1.13 -4.19
CA LYS A 280 -37.42 -0.42 -4.70
CA LYS A 280 -37.39 -0.38 -4.70
C LYS A 280 -38.15 0.25 -3.54
N VAL A 281 -38.14 -0.42 -2.39
CA VAL A 281 -38.77 0.15 -1.18
C VAL A 281 -37.82 1.17 -0.52
N CYS A 282 -36.57 0.78 -0.30
CA CYS A 282 -35.65 1.67 0.39
C CYS A 282 -35.42 2.99 -0.32
N CYS A 283 -35.44 2.99 -1.66
CA CYS A 283 -35.24 4.24 -2.37
C CYS A 283 -36.28 5.28 -2.06
N GLN A 284 -37.51 4.85 -1.69
CA GLN A 284 -38.60 5.72 -1.32
C GLN A 284 -38.32 6.38 0.01
N PHE A 285 -37.27 6.04 0.72
CA PHE A 285 -36.91 6.62 2.00
C PHE A 285 -35.59 7.40 1.87
N ASP A 286 -35.18 7.69 0.65
CA ASP A 286 -34.09 8.64 0.33
C ASP A 286 -34.76 9.92 -0.11
N PHE A 287 -35.00 10.82 0.84
CA PHE A 287 -35.90 11.96 0.56
C PHE A 287 -35.27 13.03 -0.32
N LYS A 288 -33.98 12.85 -0.72
CA LYS A 288 -33.34 13.68 -1.74
C LYS A 288 -33.78 13.28 -3.16
N ARG A 289 -34.54 12.22 -3.34
CA ARG A 289 -34.85 11.76 -4.70
C ARG A 289 -36.23 12.21 -5.16
N MET A 290 -36.87 13.28 -4.73
CA MET A 290 -38.25 13.55 -5.24
C MET A 290 -38.31 14.43 -6.51
N GLY A 291 -37.15 14.98 -6.95
CA GLY A 291 -37.12 15.71 -8.21
C GLY A 291 -36.30 17.02 -8.26
N SER A 292 -36.49 17.88 -7.27
CA SER A 292 -35.92 19.21 -7.20
CA SER A 292 -35.91 19.22 -7.26
C SER A 292 -34.39 19.21 -7.07
N PHE A 293 -33.85 18.10 -6.60
CA PHE A 293 -32.43 17.90 -6.44
C PHE A 293 -31.85 17.21 -7.63
N GLY A 294 -32.62 16.94 -8.68
CA GLY A 294 -31.99 16.28 -9.82
C GLY A 294 -31.77 14.80 -9.68
N LEU A 295 -32.42 14.13 -8.77
CA LEU A 295 -32.27 12.73 -8.51
C LEU A 295 -33.62 12.03 -8.57
N SER A 296 -33.57 10.74 -8.82
CA SER A 296 -34.76 9.91 -8.92
C SER A 296 -34.42 8.49 -8.49
N CYS A 297 -35.42 7.61 -8.43
CA CYS A 297 -35.27 6.20 -8.09
C CYS A 297 -35.30 5.32 -9.34
N PRO A 298 -34.25 4.57 -9.65
CA PRO A 298 -34.28 3.73 -10.86
C PRO A 298 -35.38 2.67 -10.83
N TRP A 299 -35.87 2.33 -9.63
CA TRP A 299 -36.94 1.32 -9.54
C TRP A 299 -38.30 1.92 -9.84
N LYS A 300 -38.38 3.23 -10.08
CA LYS A 300 -39.55 3.89 -10.65
C LYS A 300 -40.66 4.15 -9.65
N VAL A 301 -40.37 4.09 -8.37
CA VAL A 301 -41.31 4.49 -7.32
C VAL A 301 -40.62 5.60 -6.52
N PRO A 302 -41.09 6.86 -6.55
CA PRO A 302 -40.37 7.92 -5.88
C PRO A 302 -40.63 7.95 -4.39
N PRO A 303 -39.80 8.66 -3.62
CA PRO A 303 -40.16 8.96 -2.25
C PRO A 303 -41.38 9.88 -2.24
N ARG A 304 -42.15 9.83 -1.19
CA ARG A 304 -43.29 10.67 -0.91
CA ARG A 304 -43.21 10.80 -0.99
C ARG A 304 -43.06 11.37 0.43
N THR A 305 -43.33 12.65 0.54
CA THR A 305 -43.24 13.35 1.81
C THR A 305 -44.16 12.70 2.83
N ILE A 306 -43.63 12.48 4.04
CA ILE A 306 -44.40 11.84 5.11
C ILE A 306 -45.41 12.83 5.68
N SER A 307 -46.65 12.35 5.82
CA SER A 307 -47.73 13.15 6.33
C SER A 307 -48.52 12.33 7.32
N ASP A 308 -49.42 12.96 8.06
CA ASP A 308 -50.26 12.17 8.96
C ASP A 308 -51.11 11.14 8.24
N GLN A 309 -51.51 11.35 7.02
CA GLN A 309 -52.35 10.43 6.21
C GLN A 309 -51.58 9.28 5.60
N ASN A 310 -50.25 9.36 5.43
CA ASN A 310 -49.53 8.23 4.86
C ASN A 310 -48.56 7.61 5.86
N VAL A 311 -48.37 8.21 7.05
CA VAL A 311 -47.23 7.76 7.88
C VAL A 311 -47.44 6.33 8.33
N ALA A 312 -48.68 5.89 8.58
CA ALA A 312 -48.87 4.47 8.93
C ALA A 312 -48.50 3.50 7.82
N ALA A 313 -48.91 3.72 6.58
CA ALA A 313 -48.54 2.83 5.47
C ALA A 313 -47.05 2.93 5.19
N ARG A 314 -46.49 4.12 5.16
CA ARG A 314 -45.02 4.27 4.95
C ARG A 314 -44.24 3.53 6.07
N SER A 315 -44.66 3.67 7.32
CA SER A 315 -44.00 2.98 8.43
C SER A 315 -44.15 1.47 8.34
N ASP A 316 -45.31 0.98 7.89
CA ASP A 316 -45.49 -0.49 7.65
C ASP A 316 -44.40 -1.00 6.67
N LEU A 317 -44.20 -0.29 5.57
CA LEU A 317 -43.25 -0.71 4.56
C LEU A 317 -41.82 -0.65 5.14
N LEU A 318 -41.52 0.45 5.83
CA LEU A 318 -40.14 0.63 6.34
C LEU A 318 -39.79 -0.33 7.45
N VAL A 319 -40.70 -0.49 8.42
CA VAL A 319 -40.41 -1.43 9.52
C VAL A 319 -40.26 -2.85 8.98
N ASP A 320 -41.03 -3.23 7.96
CA ASP A 320 -40.91 -4.56 7.35
C ASP A 320 -39.53 -4.72 6.73
N GLN A 321 -38.99 -3.70 6.07
CA GLN A 321 -37.61 -3.76 5.59
C GLN A 321 -36.62 -3.90 6.74
N TRP A 322 -36.81 -3.09 7.80
CA TRP A 322 -35.91 -3.22 8.96
C TRP A 322 -35.91 -4.62 9.58
N LYS A 323 -37.12 -5.17 9.73
CA LYS A 323 -37.19 -6.48 10.40
C LYS A 323 -36.59 -7.56 9.51
N LYS A 324 -36.68 -7.42 8.20
CA LYS A 324 -36.00 -8.37 7.32
C LYS A 324 -34.49 -8.25 7.48
N LYS A 325 -33.96 -7.03 7.43
CA LYS A 325 -32.52 -6.81 7.62
C LYS A 325 -32.08 -7.41 8.97
N ALA A 326 -32.87 -7.19 10.02
CA ALA A 326 -32.53 -7.67 11.34
C ALA A 326 -32.41 -9.20 11.40
N GLU A 327 -33.12 -9.90 10.49
CA GLU A 327 -33.04 -11.36 10.47
C GLU A 327 -31.63 -11.86 10.12
N LEU A 328 -30.78 -11.03 9.56
CA LEU A 328 -29.44 -11.44 9.11
C LEU A 328 -28.40 -11.30 10.20
N TYR A 329 -28.80 -10.79 11.38
CA TYR A 329 -27.87 -10.48 12.47
C TYR A 329 -28.40 -11.07 13.75
N ARG A 330 -27.55 -11.12 14.80
CA ARG A 330 -27.83 -11.87 15.99
C ARG A 330 -28.41 -11.10 17.17
N THR A 331 -28.29 -9.79 17.20
CA THR A 331 -28.80 -9.04 18.35
C THR A 331 -30.09 -8.32 17.98
N ASN A 332 -30.71 -7.66 18.92
CA ASN A 332 -31.87 -6.80 18.71
C ASN A 332 -31.54 -5.33 18.50
N VAL A 333 -30.34 -5.03 18.03
CA VAL A 333 -29.83 -3.70 17.72
C VAL A 333 -29.49 -3.67 16.26
N LEU A 334 -30.08 -2.77 15.47
CA LEU A 334 -29.96 -2.73 14.01
C LEU A 334 -29.30 -1.42 13.55
N LEU A 335 -28.33 -1.60 12.67
CA LEU A 335 -27.64 -0.44 12.04
C LEU A 335 -28.26 -0.11 10.72
N ILE A 336 -28.70 1.14 10.54
CA ILE A 336 -29.26 1.64 9.29
C ILE A 336 -28.45 2.88 8.88
N PRO A 337 -27.40 2.69 8.06
CA PRO A 337 -26.72 3.88 7.50
C PRO A 337 -27.70 4.70 6.67
N LEU A 338 -27.54 6.02 6.67
CA LEU A 338 -28.37 6.90 5.88
C LEU A 338 -27.46 7.94 5.20
N GLY A 339 -27.03 7.62 3.96
CA GLY A 339 -26.11 8.54 3.28
C GLY A 339 -25.65 7.95 1.94
N ASP A 340 -24.78 8.73 1.31
CA ASP A 340 -24.25 8.44 -0.02
C ASP A 340 -23.15 9.45 -0.28
N ASP A 341 -22.61 9.44 -1.49
CA ASP A 341 -21.47 10.27 -1.86
C ASP A 341 -21.86 11.74 -1.78
N PHE A 342 -21.05 12.51 -1.06
CA PHE A 342 -21.15 13.96 -0.97
C PHE A 342 -22.57 14.36 -0.63
N ARG A 343 -23.23 13.60 0.22
CA ARG A 343 -24.56 13.95 0.75
C ARG A 343 -24.50 14.99 1.85
N PHE A 344 -25.68 15.49 2.18
CA PHE A 344 -25.88 16.47 3.25
C PHE A 344 -25.16 17.78 2.96
N LYS A 345 -25.36 18.24 1.74
CA LYS A 345 -24.75 19.49 1.29
C LYS A 345 -25.67 20.66 1.61
N GLN A 346 -26.78 20.75 0.94
CA GLN A 346 -27.64 21.90 1.05
C GLN A 346 -28.51 21.86 2.29
N ASN A 347 -28.83 23.02 2.81
CA ASN A 347 -29.72 23.12 3.92
C ASN A 347 -31.06 22.43 3.67
N THR A 348 -31.61 22.56 2.46
CA THR A 348 -32.87 21.89 2.14
C THR A 348 -32.76 20.39 2.19
N GLU A 349 -31.59 19.85 1.89
CA GLU A 349 -31.41 18.40 1.99
C GLU A 349 -31.37 17.93 3.42
N TRP A 350 -30.65 18.64 4.29
CA TRP A 350 -30.71 18.34 5.72
C TRP A 350 -32.13 18.31 6.21
N ASP A 351 -32.91 19.32 5.86
CA ASP A 351 -34.29 19.40 6.31
C ASP A 351 -35.11 18.24 5.76
N VAL A 352 -35.03 17.92 4.48
CA VAL A 352 -35.94 16.92 3.94
C VAL A 352 -35.65 15.57 4.52
N GLN A 353 -34.39 15.21 4.76
CA GLN A 353 -34.10 13.92 5.35
C GLN A 353 -34.51 13.95 6.82
N ARG A 354 -34.13 14.97 7.60
CA ARG A 354 -34.39 15.00 9.02
C ARG A 354 -35.87 15.01 9.35
N VAL A 355 -36.63 15.91 8.70
CA VAL A 355 -38.03 16.10 9.07
CA VAL A 355 -38.02 16.07 9.11
C VAL A 355 -38.83 14.84 8.75
N ASN A 356 -38.59 14.23 7.60
CA ASN A 356 -39.34 13.02 7.18
C ASN A 356 -38.98 11.87 8.11
N TYR A 357 -37.72 11.64 8.45
CA TYR A 357 -37.37 10.58 9.41
C TYR A 357 -37.92 10.89 10.78
N GLU A 358 -37.91 12.15 11.24
CA GLU A 358 -38.50 12.46 12.54
C GLU A 358 -39.97 12.06 12.59
N ARG A 359 -40.70 12.29 11.51
CA ARG A 359 -42.13 11.91 11.48
C ARG A 359 -42.31 10.38 11.56
N LEU A 360 -41.44 9.67 10.86
CA LEU A 360 -41.46 8.22 10.90
C LEU A 360 -41.15 7.74 12.31
N PHE A 361 -40.12 8.29 12.94
CA PHE A 361 -39.77 7.82 14.28
C PHE A 361 -40.89 8.09 15.26
N GLU A 362 -41.51 9.28 15.15
CA GLU A 362 -42.57 9.63 16.11
C GLU A 362 -43.69 8.61 15.98
N HIS A 363 -44.08 8.25 14.76
CA HIS A 363 -45.14 7.28 14.55
C HIS A 363 -44.74 5.88 15.04
N ILE A 364 -43.62 5.38 14.56
CA ILE A 364 -43.19 4.00 14.82
C ILE A 364 -43.03 3.79 16.31
N ASN A 365 -42.37 4.75 16.98
CA ASN A 365 -42.00 4.54 18.39
C ASN A 365 -43.23 4.61 19.27
N SER A 366 -44.34 5.19 18.78
CA SER A 366 -45.56 5.30 19.57
C SER A 366 -46.55 4.19 19.26
N GLN A 367 -46.28 3.32 18.28
CA GLN A 367 -47.19 2.22 17.93
C GLN A 367 -46.64 0.92 18.45
N ALA A 368 -47.19 0.48 19.58
CA ALA A 368 -46.58 -0.65 20.27
C ALA A 368 -46.53 -1.87 19.38
N HIS A 369 -47.50 -2.03 18.48
CA HIS A 369 -47.52 -3.25 17.67
C HIS A 369 -46.25 -3.42 16.85
N PHE A 370 -45.49 -2.40 16.50
CA PHE A 370 -44.21 -2.63 15.82
C PHE A 370 -43.12 -3.14 16.74
N ASN A 371 -43.17 -2.82 18.05
CA ASN A 371 -42.13 -3.20 19.01
C ASN A 371 -40.73 -2.77 18.53
N VAL A 372 -40.64 -1.50 18.12
CA VAL A 372 -39.43 -0.87 17.60
C VAL A 372 -39.23 0.46 18.36
N GLN A 373 -37.95 0.73 18.64
CA GLN A 373 -37.51 2.06 19.08
C GLN A 373 -36.44 2.53 18.11
N ALA A 374 -36.74 3.54 17.29
CA ALA A 374 -35.84 4.01 16.27
C ALA A 374 -35.41 5.44 16.54
N GLN A 375 -34.15 5.76 16.20
CA GLN A 375 -33.62 7.09 16.46
CA GLN A 375 -33.61 7.08 16.47
C GLN A 375 -32.40 7.31 15.57
N PHE A 376 -32.03 8.56 15.38
CA PHE A 376 -30.72 8.87 14.82
C PHE A 376 -29.66 8.43 15.81
N GLY A 377 -28.55 7.94 15.29
CA GLY A 377 -27.44 7.51 16.14
C GLY A 377 -26.12 7.68 15.44
N THR A 378 -25.07 7.37 16.18
CA THR A 378 -23.74 7.28 15.62
C THR A 378 -23.27 5.84 15.57
N LEU A 379 -22.12 5.65 14.92
CA LEU A 379 -21.57 4.28 14.77
C LEU A 379 -21.18 3.72 16.11
N GLN A 380 -20.52 4.53 16.97
CA GLN A 380 -20.14 4.01 18.29
C GLN A 380 -21.37 3.66 19.11
N GLU A 381 -22.43 4.44 18.97
CA GLU A 381 -23.65 4.09 19.71
C GLU A 381 -24.19 2.71 19.31
N TYR A 382 -24.19 2.41 18.00
CA TYR A 382 -24.56 1.09 17.52
C TYR A 382 -23.71 0.00 18.18
N PHE A 383 -22.40 0.13 18.07
CA PHE A 383 -21.53 -0.92 18.61
C PHE A 383 -21.68 -1.02 20.12
N ASP A 384 -21.81 0.06 20.83
CA ASP A 384 -22.00 -0.04 22.28
C ASP A 384 -23.24 -0.87 22.62
N ALA A 385 -24.31 -0.62 21.88
CA ALA A 385 -25.55 -1.34 22.17
C ALA A 385 -25.43 -2.80 21.78
N VAL A 386 -24.75 -3.12 20.67
CA VAL A 386 -24.50 -4.52 20.32
C VAL A 386 -23.77 -5.23 21.43
N HIS A 387 -22.72 -4.62 21.97
CA HIS A 387 -21.95 -5.33 23.00
C HIS A 387 -22.69 -5.35 24.32
N GLN A 388 -23.58 -4.41 24.58
CA GLN A 388 -24.44 -4.56 25.78
C GLN A 388 -25.35 -5.78 25.63
N ALA A 389 -25.87 -6.03 24.45
CA ALA A 389 -26.70 -7.19 24.17
C ALA A 389 -25.91 -8.49 24.30
N GLU A 390 -24.68 -8.47 23.78
CA GLU A 390 -23.76 -9.60 23.94
C GLU A 390 -23.50 -9.91 25.40
N ARG A 391 -23.17 -8.92 26.21
CA ARG A 391 -22.89 -9.11 27.63
C ARG A 391 -24.10 -9.63 28.37
N ALA A 392 -25.27 -9.25 27.92
CA ALA A 392 -26.51 -9.72 28.54
C ALA A 392 -26.85 -11.15 28.15
N GLY A 393 -25.99 -11.76 27.31
CA GLY A 393 -26.18 -13.15 26.96
C GLY A 393 -27.06 -13.36 25.74
N GLN A 394 -27.34 -12.29 25.00
CA GLN A 394 -28.25 -12.39 23.89
C GLN A 394 -27.69 -13.00 22.62
N ALA A 395 -26.39 -12.97 22.47
CA ALA A 395 -25.68 -13.35 21.26
C ALA A 395 -24.25 -13.73 21.62
N GLU A 396 -23.74 -14.63 20.79
CA GLU A 396 -22.34 -15.01 20.79
C GLU A 396 -21.91 -14.85 19.33
N PHE A 397 -20.72 -14.35 19.13
CA PHE A 397 -20.26 -14.08 17.76
C PHE A 397 -19.21 -15.06 17.29
N PRO A 398 -19.25 -15.42 16.01
CA PRO A 398 -18.26 -16.33 15.45
C PRO A 398 -16.91 -15.68 15.28
N THR A 399 -15.88 -16.51 15.23
CA THR A 399 -14.54 -16.11 14.89
C THR A 399 -14.24 -16.32 13.40
N LEU A 400 -13.41 -15.45 12.86
CA LEU A 400 -13.13 -15.49 11.41
C LEU A 400 -11.67 -15.15 11.19
N SER A 401 -11.03 -15.80 10.24
CA SER A 401 -9.75 -15.33 9.69
C SER A 401 -9.82 -15.41 8.15
N GLY A 402 -8.92 -14.65 7.54
CA GLY A 402 -8.82 -14.58 6.08
C GLY A 402 -8.97 -13.16 5.58
N ASP A 403 -9.11 -13.04 4.28
CA ASP A 403 -9.29 -11.74 3.64
C ASP A 403 -10.55 -11.76 2.78
N PHE A 404 -10.83 -10.63 2.16
CA PHE A 404 -11.99 -10.41 1.31
C PHE A 404 -11.59 -9.87 -0.04
N PHE A 405 -10.62 -10.54 -0.67
CA PHE A 405 -10.29 -10.32 -2.09
C PHE A 405 -10.48 -11.67 -2.81
N THR A 406 -10.75 -11.64 -4.10
CA THR A 406 -11.03 -10.47 -4.93
CA THR A 406 -11.02 -10.46 -4.92
C THR A 406 -12.52 -10.18 -4.98
N TYR A 407 -12.85 -8.93 -4.77
CA TYR A 407 -14.23 -8.48 -4.76
C TYR A 407 -14.86 -8.58 -6.16
N ALA A 408 -16.14 -8.97 -6.17
CA ALA A 408 -17.04 -8.81 -7.30
C ALA A 408 -18.33 -8.23 -6.74
N ASP A 409 -18.85 -7.19 -7.40
CA ASP A 409 -20.11 -6.58 -6.98
C ASP A 409 -21.31 -7.25 -7.69
N ARG A 410 -21.11 -7.89 -8.84
CA ARG A 410 -22.18 -8.54 -9.60
C ARG A 410 -21.55 -9.45 -10.67
N SER A 411 -22.29 -10.48 -11.03
CA SER A 411 -21.98 -11.42 -12.11
CA SER A 411 -21.94 -11.31 -12.18
C SER A 411 -20.51 -11.80 -12.10
N ASP A 412 -19.77 -11.63 -13.22
CA ASP A 412 -18.37 -11.96 -13.33
C ASP A 412 -17.48 -10.73 -13.25
N ASN A 413 -18.04 -9.63 -12.71
CA ASN A 413 -17.33 -8.34 -12.66
C ASN A 413 -16.45 -8.27 -11.42
N TYR A 414 -15.28 -8.86 -11.52
CA TYR A 414 -14.26 -8.90 -10.48
C TYR A 414 -13.34 -7.67 -10.61
N TRP A 415 -13.08 -7.06 -9.45
CA TRP A 415 -12.35 -5.81 -9.40
C TRP A 415 -10.84 -6.05 -9.21
N SER A 416 -10.24 -6.80 -10.14
CA SER A 416 -8.82 -7.07 -10.11
C SER A 416 -8.03 -6.12 -11.02
N GLY A 417 -8.71 -5.30 -11.85
CA GLY A 417 -7.99 -4.35 -12.68
C GLY A 417 -7.20 -3.32 -11.93
N TYR A 418 -7.78 -2.83 -10.82
CA TYR A 418 -7.16 -1.74 -10.08
C TYR A 418 -5.97 -2.19 -9.28
N TYR A 419 -5.65 -3.48 -9.26
CA TYR A 419 -4.40 -3.96 -8.73
C TYR A 419 -3.20 -3.49 -9.58
N THR A 420 -3.50 -3.06 -10.83
CA THR A 420 -2.45 -2.63 -11.74
C THR A 420 -2.63 -1.24 -12.30
N SER A 421 -3.87 -0.70 -12.38
CA SER A 421 -4.11 0.54 -13.07
C SER A 421 -3.21 1.67 -12.59
N ARG A 422 -2.71 2.49 -13.53
CA ARG A 422 -1.82 3.60 -13.23
C ARG A 422 -0.59 3.13 -12.44
N PRO A 423 0.17 2.22 -13.05
CA PRO A 423 1.33 1.63 -12.33
C PRO A 423 2.45 2.59 -12.08
N TYR A 424 2.58 3.67 -12.82
CA TYR A 424 3.61 4.68 -12.53
C TYR A 424 3.45 5.17 -11.09
N HIS A 425 2.21 5.48 -10.73
CA HIS A 425 1.94 6.08 -9.42
C HIS A 425 1.98 5.06 -8.34
N LYS A 426 1.61 3.81 -8.63
CA LYS A 426 1.82 2.70 -7.71
C LYS A 426 3.28 2.55 -7.32
N ARG A 427 4.19 2.64 -8.31
CA ARG A 427 5.63 2.61 -8.02
C ARG A 427 6.05 3.85 -7.23
N MET A 428 5.55 5.03 -7.64
CA MET A 428 5.89 6.27 -6.92
C MET A 428 5.52 6.18 -5.44
N ASP A 429 4.39 5.54 -5.14
CA ASP A 429 3.97 5.34 -3.76
C ASP A 429 5.06 4.69 -2.92
N ARG A 430 5.68 3.64 -3.45
CA ARG A 430 6.71 2.90 -2.72
C ARG A 430 7.98 3.72 -2.56
N VAL A 431 8.32 4.52 -3.57
CA VAL A 431 9.48 5.41 -3.48
C VAL A 431 9.25 6.42 -2.38
N LEU A 432 8.13 7.12 -2.42
CA LEU A 432 7.79 8.10 -1.40
C LEU A 432 7.67 7.50 -0.01
N MET A 433 7.13 6.28 0.08
CA MET A 433 7.09 5.57 1.36
C MET A 433 8.42 5.57 2.02
N HIS A 434 9.44 5.15 1.26
CA HIS A 434 10.80 5.06 1.77
C HIS A 434 11.42 6.41 2.07
N TYR A 435 11.19 7.39 1.21
CA TYR A 435 11.79 8.77 1.41
CA TYR A 435 11.76 8.73 1.43
C TYR A 435 11.16 9.38 2.69
N VAL A 436 9.88 9.15 2.95
CA VAL A 436 9.28 9.65 4.20
C VAL A 436 9.97 9.01 5.38
N ARG A 437 10.05 7.68 5.37
CA ARG A 437 10.74 7.03 6.49
C ARG A 437 12.16 7.57 6.68
N ALA A 438 12.92 7.64 5.61
CA ALA A 438 14.33 8.08 5.71
C ALA A 438 14.43 9.52 6.19
N ALA A 439 13.54 10.41 5.71
CA ALA A 439 13.59 11.81 6.14
C ALA A 439 13.23 11.94 7.60
N GLU A 440 12.18 11.20 8.05
CA GLU A 440 11.78 11.28 9.45
C GLU A 440 12.89 10.71 10.35
N MET A 441 13.52 9.60 9.94
CA MET A 441 14.57 8.98 10.72
C MET A 441 15.83 9.86 10.78
N LEU A 442 16.31 10.30 9.64
CA LEU A 442 17.55 11.09 9.62
C LEU A 442 17.43 12.35 10.43
N SER A 443 16.26 13.01 10.39
CA SER A 443 16.08 14.28 11.09
C SER A 443 15.72 14.07 12.55
N ALA A 444 15.33 12.85 12.96
CA ALA A 444 14.94 12.60 14.35
C ALA A 444 16.10 12.67 15.29
N TRP A 445 17.32 12.44 14.84
CA TRP A 445 18.46 12.37 15.74
C TRP A 445 18.72 13.69 16.45
N HIS A 446 18.33 14.81 15.87
CA HIS A 446 18.52 16.12 16.44
C HIS A 446 17.21 16.82 16.67
N SER A 447 17.23 17.78 17.57
CA SER A 447 16.24 18.84 17.65
CA SER A 447 16.18 18.80 17.58
C SER A 447 16.60 19.95 16.68
N TRP A 448 15.64 20.51 15.94
CA TRP A 448 15.91 21.53 14.93
C TRP A 448 15.21 22.83 15.28
N ASP A 449 15.93 23.94 15.07
CA ASP A 449 15.30 25.24 15.21
C ASP A 449 14.15 25.35 14.25
N GLY A 450 13.09 26.09 14.59
CA GLY A 450 11.98 26.33 13.71
C GLY A 450 12.38 26.93 12.38
N MET A 451 13.44 27.73 12.34
CA MET A 451 13.84 28.31 11.06
C MET A 451 14.31 27.27 10.05
N ALA A 452 14.62 26.06 10.49
CA ALA A 452 15.04 24.99 9.59
C ALA A 452 13.91 24.40 8.78
N ARG A 453 12.69 24.68 9.19
CA ARG A 453 11.49 24.25 8.46
C ARG A 453 11.42 22.70 8.35
N ILE A 454 11.99 21.97 9.29
CA ILE A 454 11.99 20.53 9.24
C ILE A 454 10.59 19.96 9.46
N GLU A 455 9.95 20.38 10.56
CA GLU A 455 8.61 19.90 10.82
C GLU A 455 7.65 20.24 9.68
N GLU A 456 7.81 21.46 9.14
CA GLU A 456 6.92 21.89 8.05
C GLU A 456 7.02 20.97 6.83
N ARG A 457 8.25 20.70 6.41
CA ARG A 457 8.45 19.84 5.22
C ARG A 457 8.01 18.40 5.49
N LEU A 458 8.30 17.90 6.71
CA LEU A 458 7.85 16.53 7.01
C LEU A 458 6.35 16.42 7.04
N GLU A 459 5.66 17.43 7.61
CA GLU A 459 4.20 17.38 7.63
C GLU A 459 3.64 17.36 6.22
N GLN A 460 4.20 18.20 5.35
CA GLN A 460 3.73 18.20 3.94
C GLN A 460 3.95 16.82 3.31
N ALA A 461 5.14 16.24 3.50
CA ALA A 461 5.40 14.93 2.90
C ALA A 461 4.46 13.84 3.40
N ARG A 462 4.29 13.79 4.73
CA ARG A 462 3.37 12.81 5.30
C ARG A 462 1.97 12.98 4.78
N ARG A 463 1.51 14.21 4.64
CA ARG A 463 0.12 14.45 4.23
C ARG A 463 -0.09 14.10 2.76
N GLU A 464 0.88 14.41 1.88
CA GLU A 464 0.67 14.08 0.45
C GLU A 464 0.70 12.57 0.26
N LEU A 465 1.61 11.85 0.93
CA LEU A 465 1.63 10.40 0.83
C LEU A 465 0.36 9.82 1.43
N SER A 466 -0.07 10.34 2.55
CA SER A 466 -1.29 9.87 3.20
C SER A 466 -2.51 10.03 2.30
N LEU A 467 -2.61 11.21 1.66
CA LEU A 467 -3.69 11.46 0.73
C LEU A 467 -3.77 10.41 -0.37
N PHE A 468 -2.62 10.00 -0.88
CA PHE A 468 -2.56 9.06 -1.99
C PHE A 468 -3.01 7.65 -1.60
N GLN A 469 -3.06 7.36 -0.28
CA GLN A 469 -3.57 6.05 0.12
C GLN A 469 -5.06 5.94 -0.11
N HIS A 470 -5.77 7.02 -0.40
CA HIS A 470 -7.20 6.99 -0.72
C HIS A 470 -7.50 5.90 -1.74
N HIS A 471 -8.73 5.39 -1.63
CA HIS A 471 -9.21 4.34 -2.54
C HIS A 471 -9.56 4.80 -3.94
N ASP A 472 -9.25 6.07 -4.32
CA ASP A 472 -9.11 6.44 -5.75
C ASP A 472 -7.73 6.98 -6.08
N GLY A 473 -6.77 6.89 -5.17
CA GLY A 473 -5.41 7.41 -5.41
C GLY A 473 -4.54 6.26 -5.90
N ILE A 474 -3.93 5.51 -4.97
CA ILE A 474 -3.07 4.39 -5.30
C ILE A 474 -3.75 3.36 -6.17
N THR A 475 -5.07 3.26 -6.08
CA THR A 475 -5.84 2.33 -6.91
C THR A 475 -5.80 2.63 -8.39
N GLY A 476 -5.44 3.88 -8.80
CA GLY A 476 -5.44 4.15 -10.22
C GLY A 476 -6.83 4.26 -10.82
N THR A 477 -7.82 4.68 -10.02
CA THR A 477 -9.21 4.79 -10.43
C THR A 477 -9.73 6.21 -10.46
N ALA A 478 -8.86 7.23 -10.58
CA ALA A 478 -9.32 8.60 -10.67
C ALA A 478 -9.24 9.12 -12.08
N LYS A 479 -9.87 10.27 -12.34
CA LYS A 479 -9.78 10.88 -13.67
C LYS A 479 -8.35 11.37 -13.92
N THR A 480 -8.02 11.49 -15.19
CA THR A 480 -6.68 11.89 -15.61
C THR A 480 -6.13 13.10 -14.86
N HIS A 481 -6.94 14.17 -14.80
CA HIS A 481 -6.41 15.39 -14.15
C HIS A 481 -6.24 15.23 -12.63
N VAL A 482 -6.96 14.28 -12.06
CA VAL A 482 -6.83 14.00 -10.63
C VAL A 482 -5.57 13.21 -10.37
N VAL A 483 -5.27 12.22 -11.21
CA VAL A 483 -4.01 11.51 -11.18
C VAL A 483 -2.85 12.49 -11.25
N VAL A 484 -2.94 13.50 -12.14
CA VAL A 484 -1.88 14.49 -12.26
C VAL A 484 -1.75 15.26 -10.97
N ASP A 485 -2.83 15.62 -10.32
CA ASP A 485 -2.76 16.32 -9.02
C ASP A 485 -2.06 15.47 -7.99
N TYR A 486 -2.42 14.19 -7.86
CA TYR A 486 -1.71 13.32 -6.91
C TYR A 486 -0.23 13.25 -7.22
N GLU A 487 0.14 13.14 -8.49
CA GLU A 487 1.54 13.04 -8.87
C GLU A 487 2.28 14.33 -8.50
N GLN A 488 1.69 15.47 -8.78
CA GLN A 488 2.34 16.75 -8.44
C GLN A 488 2.55 16.88 -6.96
N ARG A 489 1.52 16.48 -6.17
CA ARG A 489 1.64 16.49 -4.71
C ARG A 489 2.75 15.59 -4.24
N MET A 490 2.84 14.38 -4.81
CA MET A 490 3.89 13.45 -4.41
C MET A 490 5.26 13.95 -4.84
N GLN A 491 5.36 14.65 -5.96
CA GLN A 491 6.67 15.22 -6.35
CA GLN A 491 6.65 15.23 -6.37
C GLN A 491 7.10 16.27 -5.37
N GLU A 492 6.18 17.10 -4.90
CA GLU A 492 6.52 18.10 -3.86
C GLU A 492 6.97 17.41 -2.60
N ALA A 493 6.26 16.33 -2.27
CA ALA A 493 6.63 15.57 -1.07
C ALA A 493 8.04 14.98 -1.19
N LEU A 494 8.39 14.44 -2.35
CA LEU A 494 9.74 13.90 -2.57
C LEU A 494 10.79 15.00 -2.39
N LYS A 495 10.50 16.19 -2.93
CA LYS A 495 11.47 17.32 -2.80
C LYS A 495 11.59 17.73 -1.31
N ALA A 496 10.49 17.72 -0.55
CA ALA A 496 10.51 18.01 0.85
C ALA A 496 11.39 16.99 1.60
N CYS A 497 11.20 15.70 1.32
CA CYS A 497 12.01 14.68 1.93
C CYS A 497 13.49 14.88 1.60
N GLN A 498 13.82 15.14 0.35
CA GLN A 498 15.22 15.33 -0.03
C GLN A 498 15.84 16.49 0.76
N MET A 499 15.09 17.59 0.91
CA MET A 499 15.62 18.73 1.66
C MET A 499 15.95 18.34 3.09
N VAL A 500 14.99 17.68 3.75
CA VAL A 500 15.20 17.29 5.15
C VAL A 500 16.35 16.29 5.26
N MET A 501 16.42 15.32 4.36
CA MET A 501 17.46 14.29 4.42
C MET A 501 18.85 14.93 4.26
N GLN A 502 19.00 15.80 3.29
CA GLN A 502 20.34 16.32 3.01
C GLN A 502 20.78 17.29 4.13
N GLN A 503 19.86 18.08 4.66
CA GLN A 503 20.22 18.93 5.82
C GLN A 503 20.67 18.08 6.98
N SER A 504 19.99 16.94 7.17
CA SER A 504 20.31 16.05 8.28
C SER A 504 21.68 15.39 8.10
N VAL A 505 21.97 14.91 6.89
CA VAL A 505 23.28 14.32 6.61
C VAL A 505 24.39 15.31 6.89
N TYR A 506 24.22 16.56 6.42
CA TYR A 506 25.23 17.61 6.63
CA TYR A 506 25.25 17.55 6.65
C TYR A 506 25.48 17.78 8.14
N ARG A 507 24.40 17.82 8.93
CA ARG A 507 24.58 17.98 10.38
C ARG A 507 25.21 16.77 11.04
N LEU A 508 24.81 15.55 10.62
CA LEU A 508 25.29 14.34 11.25
C LEU A 508 26.73 14.03 10.98
N LEU A 509 27.29 14.56 9.88
CA LEU A 509 28.63 14.22 9.42
C LEU A 509 29.56 15.42 9.35
N THR A 510 29.25 16.52 10.02
CA THR A 510 30.17 17.68 10.03
C THR A 510 30.58 17.94 11.47
N LYS A 511 31.87 18.19 11.67
CA LYS A 511 32.34 18.55 13.01
C LYS A 511 31.49 19.65 13.62
N PRO A 512 30.96 19.45 14.81
CA PRO A 512 30.00 20.40 15.34
C PRO A 512 30.46 21.84 15.41
N SER A 513 31.70 22.12 15.74
CA SER A 513 32.18 23.50 15.85
C SER A 513 32.45 24.14 14.49
N ILE A 514 32.32 23.40 13.40
CA ILE A 514 32.44 23.84 12.04
C ILE A 514 31.09 24.00 11.39
N TYR A 515 30.12 23.17 11.73
CA TYR A 515 28.78 23.17 11.13
C TYR A 515 28.17 24.56 11.11
N SER A 516 27.80 25.01 9.91
CA SER A 516 27.32 26.36 9.68
C SER A 516 26.19 26.35 8.68
N PRO A 517 25.01 25.87 9.12
CA PRO A 517 23.98 25.62 8.12
C PRO A 517 23.30 26.87 7.62
N ASP A 518 22.98 26.80 6.36
CA ASP A 518 22.03 27.63 5.64
C ASP A 518 20.84 26.69 5.34
N PHE A 519 19.72 26.86 6.01
CA PHE A 519 18.62 25.91 5.90
C PHE A 519 17.91 25.94 4.56
N SER A 520 18.26 26.85 3.67
CA SER A 520 17.75 26.90 2.32
C SER A 520 18.72 26.24 1.32
N PHE A 521 19.91 25.90 1.73
CA PHE A 521 20.97 25.43 0.80
C PHE A 521 20.93 23.91 0.59
N SER A 522 21.35 23.49 -0.62
CA SER A 522 21.50 22.08 -0.91
C SER A 522 22.95 21.66 -0.74
N TYR A 523 23.28 21.12 0.42
CA TYR A 523 24.58 20.54 0.70
C TYR A 523 24.84 19.25 -0.06
N PHE A 524 23.81 18.45 -0.27
CA PHE A 524 23.87 17.23 -1.03
C PHE A 524 22.67 17.16 -1.99
N THR A 525 22.87 16.47 -3.07
CA THR A 525 21.74 16.00 -3.88
C THR A 525 21.61 14.50 -3.77
N LEU A 526 20.38 14.05 -3.79
CA LEU A 526 20.10 12.64 -3.78
C LEU A 526 20.36 12.09 -5.16
N ASP A 527 20.81 10.85 -5.19
CA ASP A 527 21.01 10.15 -6.44
C ASP A 527 20.21 8.87 -6.30
N ASP A 528 19.21 8.67 -7.10
CA ASP A 528 18.33 7.50 -7.07
C ASP A 528 18.41 6.83 -8.42
N SER A 529 18.95 5.61 -8.44
CA SER A 529 19.15 4.89 -9.69
C SER A 529 17.86 4.27 -10.24
N ARG A 530 16.79 4.21 -9.42
CA ARG A 530 15.61 3.44 -9.87
C ARG A 530 14.36 4.27 -9.83
N TRP A 531 14.40 5.57 -9.60
CA TRP A 531 13.20 6.42 -9.66
C TRP A 531 13.62 7.81 -10.09
N PRO A 532 13.02 8.35 -11.16
CA PRO A 532 12.02 7.70 -12.00
C PRO A 532 12.54 6.53 -12.84
N GLY A 533 13.85 6.50 -13.01
CA GLY A 533 14.52 5.38 -13.66
C GLY A 533 15.06 5.75 -15.03
N SER A 534 16.09 4.96 -15.41
CA SER A 534 16.74 5.07 -16.71
C SER A 534 15.63 4.80 -17.74
N GLY A 535 15.45 5.73 -18.62
CA GLY A 535 14.47 5.64 -19.68
C GLY A 535 13.15 6.29 -19.34
N VAL A 536 13.07 6.72 -18.09
CA VAL A 536 11.81 7.36 -17.65
C VAL A 536 12.08 8.84 -17.53
N GLU A 537 13.09 9.28 -16.84
CA GLU A 537 13.49 10.68 -16.73
CA GLU A 537 13.49 10.67 -16.65
C GLU A 537 15.01 10.76 -16.59
N ASP A 538 15.63 11.73 -17.26
CA ASP A 538 17.08 11.92 -17.12
C ASP A 538 17.25 12.93 -16.01
N SER A 539 17.30 12.45 -14.78
CA SER A 539 17.12 13.23 -13.54
C SER A 539 18.41 13.24 -12.72
N ARG A 540 19.31 12.30 -13.00
CA ARG A 540 20.47 12.08 -12.17
C ARG A 540 21.60 13.02 -12.58
N THR A 541 22.27 13.49 -11.53
CA THR A 541 23.38 14.34 -11.77
C THR A 541 24.66 13.48 -11.95
N THR A 542 25.43 13.90 -12.94
CA THR A 542 26.76 13.35 -13.18
C THR A 542 27.74 14.01 -12.24
N ILE A 543 28.58 13.24 -11.59
CA ILE A 543 29.71 13.76 -10.83
C ILE A 543 30.80 14.13 -11.84
N ILE A 544 31.05 15.44 -11.88
CA ILE A 544 32.00 15.94 -12.89
CA ILE A 544 31.96 16.04 -12.85
C ILE A 544 33.34 16.23 -12.24
N LEU A 545 34.29 15.42 -12.68
CA LEU A 545 35.66 15.42 -12.21
C LEU A 545 36.59 15.73 -13.38
N GLY A 546 37.74 16.30 -13.10
CA GLY A 546 38.73 16.60 -14.15
C GLY A 546 39.87 17.37 -13.56
N GLU A 547 41.03 17.21 -14.19
CA GLU A 547 42.26 17.85 -13.68
C GLU A 547 42.15 19.36 -13.59
N ASP A 548 41.36 19.93 -14.52
CA ASP A 548 41.22 21.38 -14.62
C ASP A 548 39.91 21.81 -13.99
N ILE A 549 39.26 21.01 -13.15
CA ILE A 549 38.03 21.45 -12.48
C ILE A 549 37.90 20.96 -11.05
N LEU A 550 38.07 19.67 -10.84
CA LEU A 550 37.76 19.10 -9.53
C LEU A 550 38.31 17.67 -9.46
N PRO A 551 39.26 17.38 -8.58
CA PRO A 551 39.83 16.03 -8.57
C PRO A 551 39.01 14.93 -7.92
N SER A 552 38.13 15.29 -6.99
CA SER A 552 37.45 14.28 -6.19
C SER A 552 36.11 14.80 -5.66
N LYS A 553 35.29 13.84 -5.21
CA LYS A 553 33.95 14.13 -4.71
C LYS A 553 33.57 13.17 -3.58
N HIS A 554 33.07 13.73 -2.50
CA HIS A 554 32.48 12.92 -1.45
C HIS A 554 31.04 12.51 -1.74
N VAL A 555 30.73 11.26 -1.45
CA VAL A 555 29.38 10.72 -1.48
C VAL A 555 29.11 10.06 -0.14
N VAL A 556 27.82 10.02 0.24
CA VAL A 556 27.40 9.47 1.50
C VAL A 556 26.21 8.52 1.28
N MET A 557 26.27 7.35 1.89
CA MET A 557 25.14 6.42 1.90
C MET A 557 24.47 6.38 3.25
N HIS A 558 23.13 6.31 3.25
CA HIS A 558 22.32 6.10 4.44
C HIS A 558 21.67 4.72 4.38
N ASN A 559 21.63 4.06 5.54
CA ASN A 559 20.98 2.76 5.73
C ASN A 559 19.89 2.86 6.76
N THR A 560 18.61 2.93 6.37
CA THR A 560 17.54 3.09 7.33
C THR A 560 17.26 1.83 8.13
N LEU A 561 17.74 0.69 7.72
CA LEU A 561 17.48 -0.55 8.43
C LEU A 561 18.39 -0.70 9.66
N PRO A 562 17.88 -1.32 10.73
CA PRO A 562 18.66 -1.46 11.97
C PRO A 562 19.63 -2.62 12.01
N HIS A 563 20.36 -2.87 10.89
CA HIS A 563 21.41 -3.82 10.89
C HIS A 563 22.53 -3.33 9.94
N TRP A 564 23.75 -3.74 10.14
CA TRP A 564 24.78 -3.43 9.16
C TRP A 564 24.34 -3.94 7.80
N ARG A 565 24.62 -3.18 6.77
CA ARG A 565 24.22 -3.59 5.45
C ARG A 565 25.26 -3.24 4.40
N GLU A 566 25.54 -4.21 3.53
CA GLU A 566 26.29 -3.96 2.31
C GLU A 566 25.32 -4.00 1.10
N GLN A 567 25.59 -3.09 0.17
CA GLN A 567 24.80 -3.04 -1.05
C GLN A 567 25.70 -2.40 -2.12
N LEU A 568 25.64 -2.91 -3.33
CA LEU A 568 26.29 -2.15 -4.42
C LEU A 568 25.51 -0.87 -4.64
N VAL A 569 26.25 0.20 -4.89
CA VAL A 569 25.73 1.50 -5.25
C VAL A 569 26.44 1.96 -6.50
N ASP A 570 25.71 2.70 -7.31
CA ASP A 570 26.29 3.28 -8.52
C ASP A 570 26.07 4.79 -8.62
N PHE A 571 27.01 5.44 -9.28
CA PHE A 571 26.95 6.86 -9.56
C PHE A 571 27.36 7.11 -11.00
N TYR A 572 26.85 8.18 -11.59
CA TYR A 572 27.36 8.59 -12.92
C TYR A 572 28.54 9.54 -12.70
N VAL A 573 29.58 9.31 -13.47
CA VAL A 573 30.81 10.07 -13.43
C VAL A 573 31.26 10.49 -14.83
N SER A 574 31.98 11.59 -14.91
CA SER A 574 32.37 12.13 -16.23
C SER A 574 33.67 11.55 -16.78
N SER A 575 34.28 10.56 -16.15
CA SER A 575 35.44 9.87 -16.60
C SER A 575 35.35 8.40 -16.23
N PRO A 576 35.92 7.48 -17.01
CA PRO A 576 35.99 6.08 -16.60
C PRO A 576 37.09 5.80 -15.61
N PHE A 577 38.06 6.71 -15.44
CA PHE A 577 39.28 6.58 -14.63
C PHE A 577 39.03 7.16 -13.24
N VAL A 578 38.19 6.44 -12.49
CA VAL A 578 37.76 6.86 -11.17
C VAL A 578 38.00 5.71 -10.22
N SER A 579 38.51 6.07 -9.03
CA SER A 579 38.64 5.06 -7.97
C SER A 579 38.00 5.58 -6.70
N VAL A 580 37.70 4.61 -5.86
CA VAL A 580 36.93 4.81 -4.67
C VAL A 580 37.78 4.53 -3.44
N THR A 581 37.61 5.37 -2.43
CA THR A 581 38.22 5.14 -1.10
C THR A 581 37.16 5.41 -0.02
N ASP A 582 37.37 4.81 1.14
CA ASP A 582 36.55 5.10 2.33
C ASP A 582 37.16 6.30 3.08
N LEU A 583 36.60 6.77 4.16
CA LEU A 583 37.27 7.96 4.67
C LEU A 583 38.27 7.50 5.75
N ALA A 584 38.95 6.35 5.62
CA ALA A 584 40.30 6.17 6.16
C ALA A 584 41.28 6.03 4.98
N ASN A 585 40.81 6.41 3.81
CA ASN A 585 41.58 6.37 2.58
CA ASN A 585 41.63 6.37 2.60
C ASN A 585 41.97 4.95 2.18
N ASN A 586 41.18 3.97 2.63
CA ASN A 586 41.37 2.57 2.20
C ASN A 586 40.74 2.42 0.81
N PRO A 587 41.42 1.79 -0.15
CA PRO A 587 40.80 1.58 -1.45
C PRO A 587 39.59 0.64 -1.32
N VAL A 588 38.63 0.86 -2.20
CA VAL A 588 37.40 0.10 -2.31
C VAL A 588 37.33 -0.42 -3.76
N GLU A 589 37.16 -1.70 -3.96
CA GLU A 589 37.07 -2.23 -5.31
C GLU A 589 35.86 -1.66 -6.03
N ALA A 590 36.00 -1.30 -7.30
CA ALA A 590 34.94 -0.70 -8.04
C ALA A 590 34.91 -1.30 -9.44
N GLN A 591 33.78 -1.13 -10.11
CA GLN A 591 33.59 -1.52 -11.50
C GLN A 591 33.02 -0.31 -12.23
N VAL A 592 33.54 -0.05 -13.43
CA VAL A 592 32.95 0.95 -14.30
C VAL A 592 32.30 0.26 -15.47
N SER A 593 31.10 0.71 -15.79
CA SER A 593 30.29 0.23 -16.90
C SER A 593 29.84 1.42 -17.72
N PRO A 594 29.44 1.24 -18.98
CA PRO A 594 28.89 2.34 -19.75
C PRO A 594 27.53 2.78 -19.25
N VAL A 595 27.09 3.95 -19.72
CA VAL A 595 25.72 4.42 -19.56
C VAL A 595 24.98 4.10 -20.88
N TRP A 596 24.09 3.09 -20.81
CA TRP A 596 23.32 2.65 -21.94
C TRP A 596 21.90 3.16 -21.89
N SER A 597 21.41 3.68 -23.00
CA SER A 597 20.03 4.15 -23.09
CA SER A 597 20.08 4.26 -23.18
C SER A 597 19.37 3.54 -24.33
N TRP A 598 18.16 3.08 -24.11
CA TRP A 598 17.47 2.36 -25.19
C TRP A 598 16.60 3.32 -25.97
N HIS A 599 16.67 3.14 -27.27
CA HIS A 599 16.02 4.05 -28.22
C HIS A 599 15.08 3.28 -29.11
N HIS A 600 13.87 3.79 -29.21
CA HIS A 600 12.95 3.24 -30.20
C HIS A 600 13.18 4.05 -31.47
N ASP A 601 13.92 3.39 -32.35
CA ASP A 601 14.41 4.05 -33.55
C ASP A 601 13.36 3.99 -34.65
N THR A 602 12.78 5.17 -34.91
CA THR A 602 11.66 5.30 -35.85
C THR A 602 12.15 5.20 -37.28
N LEU A 603 13.47 5.26 -37.49
CA LEU A 603 13.95 5.08 -38.85
C LEU A 603 14.13 3.60 -39.14
N THR A 604 14.86 2.88 -38.32
CA THR A 604 15.20 1.48 -38.57
C THR A 604 14.13 0.53 -38.05
N LYS A 605 13.23 1.06 -37.25
CA LYS A 605 12.13 0.28 -36.68
C LYS A 605 12.68 -0.84 -35.82
N THR A 606 13.69 -0.51 -35.03
CA THR A 606 14.24 -1.40 -34.04
C THR A 606 14.38 -0.65 -32.72
N ILE A 607 14.49 -1.41 -31.65
CA ILE A 607 14.76 -0.91 -30.31
C ILE A 607 16.17 -1.34 -29.90
N HIS A 608 17.05 -0.34 -29.70
CA HIS A 608 18.46 -0.72 -29.53
C HIS A 608 19.14 0.28 -28.62
N PRO A 609 20.21 -0.12 -27.98
CA PRO A 609 20.85 0.73 -26.99
C PRO A 609 21.95 1.59 -27.61
N GLN A 610 22.05 2.80 -27.10
CA GLN A 610 23.18 3.69 -27.40
C GLN A 610 23.96 3.97 -26.13
N GLY A 611 25.26 4.04 -26.30
CA GLY A 611 26.13 4.30 -25.16
C GLY A 611 26.64 5.73 -25.13
N SER A 612 26.81 6.23 -23.93
CA SER A 612 27.35 7.58 -23.77
C SER A 612 28.85 7.58 -24.02
N THR A 613 29.36 8.69 -24.59
CA THR A 613 30.79 8.85 -24.81
C THR A 613 31.41 9.86 -23.85
N THR A 614 30.69 10.31 -22.83
CA THR A 614 31.08 11.28 -21.84
C THR A 614 30.63 11.04 -20.40
N LYS A 615 29.78 10.06 -20.17
CA LYS A 615 29.38 9.68 -18.82
C LYS A 615 29.39 8.16 -18.66
N TYR A 616 29.75 7.75 -17.47
CA TYR A 616 30.03 6.36 -17.14
C TYR A 616 29.39 6.05 -15.80
N ARG A 617 29.14 4.78 -15.50
CA ARG A 617 28.66 4.33 -14.21
C ARG A 617 29.82 3.71 -13.43
N ILE A 618 30.00 4.20 -12.19
CA ILE A 618 30.90 3.51 -11.29
C ILE A 618 30.07 2.85 -10.21
N ILE A 619 30.43 1.64 -9.88
CA ILE A 619 29.73 0.74 -8.99
C ILE A 619 30.67 0.22 -7.93
N PHE A 620 30.27 0.24 -6.66
CA PHE A 620 31.09 -0.30 -5.62
C PHE A 620 30.22 -0.72 -4.46
N LYS A 621 30.77 -1.56 -3.59
CA LYS A 621 30.03 -2.04 -2.42
C LYS A 621 30.17 -1.05 -1.27
N ALA A 622 29.02 -0.47 -0.88
CA ALA A 622 28.99 0.37 0.30
C ALA A 622 28.63 -0.50 1.52
N ARG A 623 29.27 -0.23 2.65
CA ARG A 623 29.00 -0.90 3.93
C ARG A 623 28.58 0.17 4.94
N VAL A 624 27.39 0.06 5.46
CA VAL A 624 26.76 1.16 6.19
C VAL A 624 26.24 0.71 7.54
N PRO A 625 26.49 1.46 8.62
CA PRO A 625 26.02 1.03 9.96
C PRO A 625 24.52 0.93 10.04
N PRO A 626 24.03 0.27 11.08
CA PRO A 626 22.57 0.24 11.34
C PRO A 626 22.07 1.66 11.50
N MET A 627 21.01 2.02 10.79
CA MET A 627 20.39 3.34 10.93
C MET A 627 21.42 4.44 10.82
N GLY A 628 22.38 4.26 9.91
CA GLY A 628 23.61 5.03 9.90
C GLY A 628 24.02 5.55 8.55
N LEU A 629 25.21 6.16 8.54
CA LEU A 629 25.78 6.81 7.37
C LEU A 629 27.23 6.41 7.16
N ALA A 630 27.67 6.32 5.90
CA ALA A 630 29.04 6.02 5.56
C ALA A 630 29.45 6.91 4.39
N THR A 631 30.63 7.49 4.47
CA THR A 631 31.19 8.42 3.50
C THR A 631 32.27 7.77 2.66
N TYR A 632 32.23 8.00 1.35
CA TYR A 632 33.26 7.54 0.41
C TYR A 632 33.70 8.70 -0.44
N VAL A 633 34.87 8.52 -1.09
CA VAL A 633 35.41 9.54 -1.97
C VAL A 633 35.71 8.91 -3.32
N LEU A 634 35.30 9.61 -4.37
CA LEU A 634 35.54 9.25 -5.77
C LEU A 634 36.63 10.19 -6.28
N THR A 635 37.72 9.65 -6.81
CA THR A 635 38.87 10.47 -7.30
C THR A 635 39.21 10.11 -8.74
N ILE A 636 39.44 11.14 -9.55
CA ILE A 636 39.86 10.89 -10.92
C ILE A 636 41.35 10.64 -11.07
N SER A 637 41.75 9.86 -12.04
CA SER A 637 43.16 9.69 -12.41
CA SER A 637 43.12 9.53 -12.43
C SER A 637 43.26 9.75 -13.94
N ASP A 638 44.50 9.81 -14.42
CA ASP A 638 44.74 9.97 -15.86
C ASP A 638 44.65 8.64 -16.60
N SER A 639 44.64 7.52 -15.86
CA SER A 639 44.61 6.22 -16.53
C SER A 639 43.92 5.23 -15.62
N LYS A 640 43.78 3.99 -16.05
CA LYS A 640 43.06 3.02 -15.25
C LYS A 640 43.64 2.90 -13.85
N PRO A 641 42.83 3.13 -12.81
CA PRO A 641 43.29 2.92 -11.45
C PRO A 641 43.36 1.46 -11.04
N GLU A 642 44.22 1.22 -10.03
CA GLU A 642 44.48 -0.14 -9.59
C GLU A 642 43.27 -0.94 -9.16
N HIS A 643 42.35 -0.30 -8.45
CA HIS A 643 41.23 -1.02 -7.84
C HIS A 643 39.90 -0.86 -8.56
N THR A 644 39.92 -0.45 -9.79
CA THR A 644 38.75 -0.27 -10.64
C THR A 644 38.90 -1.17 -11.87
N SER A 645 37.87 -2.00 -12.12
CA SER A 645 37.78 -2.85 -13.28
C SER A 645 36.74 -2.33 -14.25
N TYR A 646 36.73 -2.84 -15.47
CA TYR A 646 35.86 -2.39 -16.54
C TYR A 646 35.04 -3.54 -17.10
N ALA A 647 33.75 -3.37 -17.20
CA ALA A 647 32.89 -4.41 -17.77
C ALA A 647 33.11 -4.60 -19.27
N SER A 648 32.96 -5.83 -19.72
CA SER A 648 32.85 -6.08 -21.14
C SER A 648 31.41 -5.87 -21.56
N ASN A 649 31.17 -5.63 -22.84
CA ASN A 649 29.85 -5.39 -23.41
C ASN A 649 29.74 -6.10 -24.76
N LEU A 650 28.66 -6.82 -24.91
CA LEU A 650 28.36 -7.62 -26.09
C LEU A 650 26.97 -7.32 -26.57
N LEU A 651 26.84 -6.86 -27.81
CA LEU A 651 25.58 -6.52 -28.43
C LEU A 651 25.22 -7.62 -29.44
N LEU A 652 24.14 -8.32 -29.18
CA LEU A 652 23.69 -9.45 -29.98
C LEU A 652 22.53 -9.01 -30.85
N ARG A 653 22.76 -8.97 -32.16
CA ARG A 653 21.81 -8.53 -33.14
C ARG A 653 22.39 -8.82 -34.52
N LYS A 654 21.49 -9.09 -35.46
CA LYS A 654 21.88 -9.12 -36.86
C LYS A 654 22.06 -7.66 -37.29
N ASN A 655 22.86 -7.41 -38.30
CA ASN A 655 22.97 -6.02 -38.75
C ASN A 655 23.50 -5.00 -37.75
N PRO A 656 24.58 -5.26 -36.99
CA PRO A 656 25.07 -4.30 -36.02
C PRO A 656 25.79 -3.16 -36.73
N THR A 657 25.82 -2.06 -35.99
CA THR A 657 26.64 -0.92 -36.30
C THR A 657 27.47 -0.58 -35.07
N SER A 658 28.50 0.24 -35.30
CA SER A 658 29.46 0.50 -34.25
C SER A 658 28.84 1.22 -33.06
N LEU A 659 29.55 1.08 -31.92
CA LEU A 659 29.10 1.63 -30.67
C LEU A 659 30.31 2.20 -29.92
N PRO A 660 30.71 3.40 -30.28
CA PRO A 660 31.83 4.05 -29.58
C PRO A 660 31.45 4.47 -28.16
N LEU A 661 32.41 4.46 -27.27
CA LEU A 661 32.17 4.75 -25.85
C LEU A 661 33.17 5.77 -25.30
N GLY A 662 33.72 6.66 -26.12
CA GLY A 662 34.67 7.65 -25.62
C GLY A 662 35.89 7.02 -24.99
N GLN A 663 36.21 7.49 -23.79
CA GLN A 663 37.40 7.02 -23.09
C GLN A 663 37.24 5.64 -22.49
N TYR A 664 36.06 5.02 -22.55
CA TYR A 664 35.90 3.70 -21.91
C TYR A 664 36.87 2.70 -22.48
N PRO A 665 37.63 2.01 -21.64
CA PRO A 665 38.79 1.27 -22.19
C PRO A 665 38.53 -0.06 -22.87
N GLU A 666 37.34 -0.63 -22.84
CA GLU A 666 37.08 -1.91 -23.50
CA GLU A 666 37.06 -1.91 -23.48
C GLU A 666 36.14 -1.70 -24.67
N ASP A 667 36.50 -2.12 -25.87
CA ASP A 667 35.64 -1.98 -27.03
C ASP A 667 34.41 -2.90 -26.99
N VAL A 668 33.26 -2.39 -27.38
CA VAL A 668 32.05 -3.23 -27.46
C VAL A 668 32.25 -4.31 -28.48
N LYS A 669 31.76 -5.51 -28.22
CA LYS A 669 31.81 -6.67 -29.11
C LYS A 669 30.41 -6.90 -29.65
N PHE A 670 30.32 -7.55 -30.79
CA PHE A 670 29.10 -7.83 -31.51
C PHE A 670 28.97 -9.30 -31.85
N GLY A 671 27.76 -9.79 -32.00
CA GLY A 671 27.54 -11.15 -32.48
C GLY A 671 26.08 -11.30 -32.89
N ASP A 672 25.82 -12.41 -33.60
CA ASP A 672 24.43 -12.84 -33.85
C ASP A 672 23.75 -13.30 -32.54
N PRO A 673 22.42 -13.14 -32.47
CA PRO A 673 21.70 -13.66 -31.29
C PRO A 673 22.08 -15.10 -30.99
N ARG A 674 22.28 -15.39 -29.73
CA ARG A 674 22.64 -16.73 -29.26
C ARG A 674 22.26 -16.88 -27.81
N GLU A 675 22.12 -18.13 -27.38
CA GLU A 675 21.97 -18.36 -25.92
C GLU A 675 23.23 -17.94 -25.19
N ILE A 676 23.02 -17.47 -23.94
CA ILE A 676 24.17 -17.10 -23.13
C ILE A 676 23.96 -17.51 -21.69
N SER A 677 25.04 -17.65 -20.98
CA SER A 677 25.07 -17.98 -19.57
CA SER A 677 25.03 -17.94 -19.56
C SER A 677 25.99 -17.01 -18.84
N LEU A 678 25.62 -16.62 -17.63
CA LEU A 678 26.41 -15.73 -16.79
C LEU A 678 26.43 -16.18 -15.34
N ARG A 679 27.53 -15.90 -14.66
CA ARG A 679 27.66 -16.08 -13.24
C ARG A 679 28.46 -14.94 -12.64
N VAL A 680 27.91 -14.28 -11.61
CA VAL A 680 28.65 -13.31 -10.84
C VAL A 680 29.01 -13.89 -9.47
N GLY A 681 30.27 -13.68 -9.09
CA GLY A 681 30.82 -14.23 -7.85
C GLY A 681 30.62 -15.74 -7.72
N ASN A 682 30.19 -16.15 -6.54
CA ASN A 682 29.88 -17.54 -6.27
C ASN A 682 28.38 -17.84 -6.38
N GLY A 683 27.65 -16.91 -6.94
CA GLY A 683 26.19 -16.79 -6.97
C GLY A 683 25.61 -17.74 -7.99
N PRO A 684 24.33 -17.65 -8.30
CA PRO A 684 23.78 -18.62 -9.27
C PRO A 684 24.31 -18.38 -10.67
N THR A 685 24.23 -19.40 -11.50
CA THR A 685 24.48 -19.32 -12.94
C THR A 685 23.13 -19.24 -13.68
N LEU A 686 22.94 -18.20 -14.45
CA LEU A 686 21.73 -17.88 -15.16
CA LEU A 686 21.70 -17.95 -15.15
C LEU A 686 21.93 -18.14 -16.65
N ALA A 687 21.02 -18.87 -17.28
CA ALA A 687 21.06 -19.07 -18.71
C ALA A 687 19.86 -18.34 -19.34
N PHE A 688 20.12 -17.76 -20.51
CA PHE A 688 19.21 -16.93 -21.26
C PHE A 688 19.03 -17.47 -22.67
N SER A 689 17.81 -17.33 -23.17
CA SER A 689 17.47 -17.61 -24.57
C SER A 689 18.13 -16.59 -25.49
N GLU A 690 18.06 -16.91 -26.80
CA GLU A 690 18.59 -15.92 -27.75
C GLU A 690 17.74 -14.65 -27.80
N GLN A 691 16.55 -14.66 -27.19
CA GLN A 691 15.76 -13.44 -27.05
C GLN A 691 15.90 -12.84 -25.65
N GLY A 692 17.05 -13.07 -25.03
CA GLY A 692 17.45 -12.32 -23.86
C GLY A 692 16.62 -12.55 -22.62
N LEU A 693 15.85 -13.66 -22.59
CA LEU A 693 14.97 -14.01 -21.49
C LEU A 693 15.50 -15.22 -20.75
N LEU A 694 15.41 -15.12 -19.41
CA LEU A 694 15.84 -16.23 -18.56
C LEU A 694 15.19 -17.52 -18.99
N LYS A 695 16.01 -18.58 -18.99
CA LYS A 695 15.50 -19.94 -19.23
C LYS A 695 15.84 -20.88 -18.08
N SER A 696 16.89 -20.65 -17.31
CA SER A 696 17.22 -21.60 -16.22
C SER A 696 18.10 -20.90 -15.19
N ILE A 697 18.04 -21.43 -13.96
CA ILE A 697 18.84 -21.00 -12.84
C ILE A 697 19.55 -22.22 -12.26
N GLN A 698 20.87 -22.17 -12.10
CA GLN A 698 21.67 -23.21 -11.47
C GLN A 698 22.23 -22.65 -10.16
N LEU A 699 21.76 -23.12 -9.00
CA LEU A 699 22.14 -22.44 -7.76
C LEU A 699 23.60 -22.57 -7.38
N THR A 700 24.15 -23.76 -7.59
CA THR A 700 25.52 -24.04 -7.26
C THR A 700 26.21 -24.75 -8.42
N GLN A 701 27.54 -24.90 -8.34
CA GLN A 701 28.21 -25.41 -9.54
CA GLN A 701 28.20 -25.41 -9.54
C GLN A 701 27.83 -26.84 -9.92
N ASP A 702 27.37 -27.66 -8.98
CA ASP A 702 27.10 -29.05 -9.40
C ASP A 702 25.61 -29.32 -9.50
N SER A 703 24.82 -28.30 -9.21
CA SER A 703 23.37 -28.53 -9.08
C SER A 703 22.70 -28.49 -10.43
N PRO A 704 21.44 -28.86 -10.54
CA PRO A 704 20.70 -28.81 -11.79
C PRO A 704 20.48 -27.40 -12.34
N HIS A 705 20.39 -27.34 -13.67
CA HIS A 705 19.90 -26.11 -14.32
C HIS A 705 18.38 -26.17 -14.26
N VAL A 706 17.82 -25.50 -13.27
CA VAL A 706 16.38 -25.56 -13.02
C VAL A 706 15.61 -24.73 -14.03
N PRO A 707 14.67 -25.27 -14.80
CA PRO A 707 13.90 -24.46 -15.76
C PRO A 707 13.12 -23.36 -15.06
N VAL A 708 13.40 -22.13 -15.49
CA VAL A 708 12.74 -20.94 -14.96
C VAL A 708 12.68 -20.02 -16.17
N HIS A 709 11.52 -19.85 -16.79
N HIS A 709 11.53 -19.85 -16.79
CA HIS A 709 11.49 -19.07 -18.02
CA HIS A 709 11.47 -19.10 -18.04
C HIS A 709 10.58 -17.86 -17.89
C HIS A 709 10.58 -17.86 -17.90
N PHE A 710 11.11 -16.70 -18.26
CA PHE A 710 10.34 -15.48 -18.37
C PHE A 710 9.67 -15.42 -19.75
N LYS A 711 8.44 -14.94 -19.79
CA LYS A 711 7.64 -14.76 -21.01
C LYS A 711 6.75 -13.55 -20.81
N PHE A 712 6.59 -12.78 -21.86
CA PHE A 712 5.64 -11.69 -21.89
C PHE A 712 4.46 -12.03 -22.76
N LEU A 713 3.25 -11.77 -22.27
CA LEU A 713 2.00 -12.07 -22.93
C LEU A 713 1.07 -10.88 -22.86
N LYS A 714 -0.03 -10.94 -23.62
CA LYS A 714 -1.02 -9.88 -23.68
C LYS A 714 -2.41 -10.43 -23.47
N TYR A 715 -3.18 -9.71 -22.64
CA TYR A 715 -4.59 -9.89 -22.53
C TYR A 715 -5.31 -8.80 -23.32
N GLY A 716 -6.45 -9.13 -23.88
CA GLY A 716 -7.30 -8.17 -24.56
C GLY A 716 -8.59 -7.92 -23.80
N VAL A 717 -9.54 -7.33 -24.53
CA VAL A 717 -10.81 -6.90 -24.01
C VAL A 717 -11.90 -7.56 -24.86
N ARG A 718 -13.04 -7.80 -24.26
CA ARG A 718 -14.16 -8.47 -24.94
C ARG A 718 -14.82 -7.56 -25.95
N SER A 719 -15.20 -8.15 -27.07
CA SER A 719 -15.87 -7.40 -28.11
C SER A 719 -17.39 -7.46 -27.96
N HIS A 720 -17.90 -8.30 -27.09
CA HIS A 720 -19.30 -8.39 -26.74
CA HIS A 720 -19.31 -8.31 -26.74
C HIS A 720 -19.32 -8.37 -25.21
N GLY A 721 -20.32 -7.70 -24.64
CA GLY A 721 -20.43 -7.80 -23.19
C GLY A 721 -19.57 -6.76 -22.48
N ASP A 722 -19.25 -7.07 -21.23
CA ASP A 722 -18.70 -6.04 -20.35
C ASP A 722 -17.23 -5.84 -20.70
N ARG A 723 -16.81 -4.60 -20.68
CA ARG A 723 -15.46 -4.17 -20.99
C ARG A 723 -14.64 -3.91 -19.74
N SER A 724 -13.38 -4.32 -19.81
CA SER A 724 -12.39 -3.95 -18.80
C SER A 724 -12.23 -2.44 -18.75
N GLY A 725 -11.95 -1.93 -17.53
CA GLY A 725 -11.65 -0.50 -17.36
C GLY A 725 -10.75 -0.38 -16.17
N ALA A 726 -10.72 0.81 -15.54
CA ALA A 726 -9.78 1.05 -14.46
C ALA A 726 -9.98 0.11 -13.27
N TYR A 727 -11.22 -0.28 -13.00
CA TYR A 727 -11.55 -1.18 -11.91
C TYR A 727 -11.52 -2.65 -12.29
N LEU A 728 -12.22 -2.98 -13.39
CA LEU A 728 -12.54 -4.36 -13.73
C LEU A 728 -11.55 -4.97 -14.71
N PHE A 729 -11.20 -6.24 -14.47
CA PHE A 729 -10.39 -7.03 -15.40
C PHE A 729 -11.35 -8.07 -15.99
N LEU A 730 -11.63 -7.93 -17.31
CA LEU A 730 -12.58 -8.78 -18.01
C LEU A 730 -11.90 -9.26 -19.27
N PRO A 731 -10.92 -10.17 -19.14
CA PRO A 731 -10.16 -10.54 -20.33
C PRO A 731 -10.98 -11.32 -21.30
N ASN A 732 -10.54 -11.29 -22.55
CA ASN A 732 -11.16 -12.08 -23.64
C ASN A 732 -10.40 -13.40 -23.73
N GLY A 733 -10.32 -14.17 -22.66
CA GLY A 733 -9.63 -15.41 -22.62
C GLY A 733 -8.19 -15.33 -22.11
N PRO A 734 -7.53 -16.48 -22.01
CA PRO A 734 -6.14 -16.48 -21.59
C PRO A 734 -5.25 -15.62 -22.47
N ALA A 735 -4.14 -15.21 -21.90
CA ALA A 735 -3.22 -14.32 -22.59
C ALA A 735 -2.54 -15.00 -23.79
N SER A 736 -2.17 -14.16 -24.77
CA SER A 736 -1.49 -14.60 -25.98
C SER A 736 -0.06 -14.09 -25.98
N PRO A 737 0.92 -14.88 -26.42
CA PRO A 737 2.32 -14.38 -26.32
C PRO A 737 2.52 -13.11 -27.12
N VAL A 738 3.32 -12.21 -26.58
CA VAL A 738 3.80 -11.05 -27.37
C VAL A 738 4.72 -11.59 -28.47
N GLU A 739 4.50 -11.09 -29.69
CA GLU A 739 5.37 -11.48 -30.80
C GLU A 739 6.69 -10.68 -30.80
N LEU A 740 7.79 -11.35 -30.46
CA LEU A 740 9.02 -10.63 -30.11
C LEU A 740 9.89 -10.24 -31.29
N GLY A 741 9.65 -10.82 -32.49
CA GLY A 741 10.59 -10.64 -33.58
C GLY A 741 12.00 -11.12 -33.25
N GLN A 742 13.02 -10.39 -33.62
CA GLN A 742 14.41 -10.74 -33.36
CA GLN A 742 14.42 -10.73 -33.37
C GLN A 742 15.00 -9.59 -32.56
N PRO A 743 14.72 -9.53 -31.28
CA PRO A 743 15.10 -8.35 -30.47
C PRO A 743 16.61 -8.24 -30.26
N VAL A 744 17.03 -7.02 -29.99
CA VAL A 744 18.42 -6.70 -29.71
C VAL A 744 18.72 -6.95 -28.24
N VAL A 745 19.79 -7.69 -27.96
CA VAL A 745 20.19 -8.11 -26.63
C VAL A 745 21.53 -7.54 -26.29
N LEU A 746 21.63 -6.92 -25.11
CA LEU A 746 22.87 -6.33 -24.62
C LEU A 746 23.36 -7.09 -23.40
N VAL A 747 24.55 -7.63 -23.44
CA VAL A 747 25.15 -8.37 -22.33
C VAL A 747 26.30 -7.56 -21.78
N THR A 748 26.26 -7.21 -20.50
CA THR A 748 27.37 -6.53 -19.83
C THR A 748 27.93 -7.46 -18.76
N LYS A 749 29.21 -7.72 -18.77
CA LYS A 749 29.82 -8.70 -17.88
C LYS A 749 30.90 -8.01 -17.06
N GLY A 750 30.71 -7.96 -15.77
CA GLY A 750 31.66 -7.32 -14.87
C GLY A 750 31.94 -8.19 -13.67
N LYS A 751 32.98 -7.82 -12.91
CA LYS A 751 33.36 -8.58 -11.72
C LYS A 751 32.32 -8.41 -10.62
N LEU A 752 31.76 -7.22 -10.50
CA LEU A 752 30.80 -6.90 -9.45
C LEU A 752 29.37 -7.02 -9.91
N GLU A 753 29.10 -6.71 -11.20
CA GLU A 753 27.74 -6.66 -11.71
C GLU A 753 27.72 -7.04 -13.17
N SER A 754 26.79 -7.92 -13.53
CA SER A 754 26.57 -8.29 -14.91
C SER A 754 25.08 -8.14 -15.21
N SER A 755 24.74 -8.04 -16.49
CA SER A 755 23.34 -7.94 -16.82
CA SER A 755 23.40 -7.71 -16.94
C SER A 755 23.08 -8.34 -18.30
N VAL A 756 21.83 -8.75 -18.52
CA VAL A 756 21.30 -9.04 -19.82
C VAL A 756 20.07 -8.13 -20.01
N SER A 757 20.05 -7.30 -21.05
CA SER A 757 18.95 -6.40 -21.33
C SER A 757 18.44 -6.64 -22.75
N VAL A 758 17.13 -6.59 -22.96
CA VAL A 758 16.57 -6.85 -24.27
C VAL A 758 15.44 -5.88 -24.54
N GLY A 759 15.42 -5.31 -25.74
CA GLY A 759 14.40 -4.39 -26.18
C GLY A 759 13.24 -5.10 -26.80
N LEU A 760 12.23 -5.45 -26.04
CA LEU A 760 11.04 -6.11 -26.53
C LEU A 760 9.97 -5.10 -26.87
N PRO A 761 8.94 -5.48 -27.62
CA PRO A 761 7.83 -4.55 -27.84
C PRO A 761 7.18 -4.26 -26.49
N SER A 762 7.15 -3.00 -26.18
CA SER A 762 6.62 -2.34 -25.00
C SER A 762 7.43 -2.50 -23.73
N VAL A 763 8.53 -3.27 -23.70
CA VAL A 763 9.28 -3.51 -22.49
C VAL A 763 10.77 -3.66 -22.77
N VAL A 764 11.59 -2.80 -22.11
CA VAL A 764 13.00 -3.10 -22.04
C VAL A 764 13.19 -3.91 -20.77
N HIS A 765 13.52 -5.17 -20.93
CA HIS A 765 13.58 -6.17 -19.85
C HIS A 765 15.03 -6.41 -19.51
N GLN A 766 15.37 -6.32 -18.22
CA GLN A 766 16.72 -6.39 -17.74
CA GLN A 766 16.74 -6.43 -17.79
C GLN A 766 16.84 -7.38 -16.59
N THR A 767 17.81 -8.26 -16.65
CA THR A 767 18.18 -9.16 -15.59
C THR A 767 19.57 -8.78 -15.10
N ILE A 768 19.70 -8.41 -13.81
CA ILE A 768 20.91 -7.87 -13.24
C ILE A 768 21.39 -8.82 -12.16
N MET A 769 22.68 -9.15 -12.20
CA MET A 769 23.30 -10.13 -11.33
C MET A 769 24.41 -9.46 -10.54
N ARG A 770 24.34 -9.57 -9.21
CA ARG A 770 25.38 -9.08 -8.32
C ARG A 770 25.96 -10.12 -7.37
N GLY A 771 25.60 -11.35 -7.59
CA GLY A 771 26.17 -12.41 -6.82
C GLY A 771 25.15 -13.15 -6.02
N GLY A 772 23.92 -12.65 -5.88
CA GLY A 772 22.84 -13.42 -5.22
C GLY A 772 21.64 -13.54 -6.17
N ALA A 773 20.41 -13.52 -5.65
CA ALA A 773 19.25 -13.56 -6.49
C ALA A 773 19.27 -12.40 -7.47
N PRO A 774 18.91 -12.63 -8.72
CA PRO A 774 18.90 -11.49 -9.66
C PRO A 774 17.86 -10.45 -9.35
N GLU A 775 18.16 -9.25 -9.84
CA GLU A 775 17.20 -8.14 -9.92
C GLU A 775 16.66 -8.09 -11.33
N ILE A 776 15.35 -7.89 -11.46
CA ILE A 776 14.70 -7.73 -12.73
C ILE A 776 14.17 -6.29 -12.79
N ARG A 777 14.44 -5.59 -13.89
CA ARG A 777 13.88 -4.30 -14.12
C ARG A 777 13.18 -4.30 -15.48
N ASN A 778 11.95 -3.82 -15.53
CA ASN A 778 11.20 -3.65 -16.77
C ASN A 778 10.90 -2.18 -16.99
N LEU A 779 11.39 -1.63 -18.09
CA LEU A 779 10.98 -0.29 -18.49
C LEU A 779 9.77 -0.49 -19.41
N VAL A 780 8.58 -0.22 -18.88
CA VAL A 780 7.33 -0.57 -19.54
C VAL A 780 6.72 0.64 -20.20
N ASP A 781 6.57 0.60 -21.53
CA ASP A 781 5.95 1.68 -22.28
C ASP A 781 4.95 1.06 -23.23
N ILE A 782 3.71 0.97 -22.79
CA ILE A 782 2.65 0.36 -23.56
C ILE A 782 2.14 1.23 -24.68
N GLY A 783 2.63 2.47 -24.75
CA GLY A 783 2.58 3.17 -26.03
C GLY A 783 1.18 3.38 -26.50
N SER A 784 0.82 3.15 -27.72
CA SER A 784 -0.56 3.37 -28.16
C SER A 784 -1.28 2.04 -28.30
N LEU A 785 -0.83 0.98 -27.63
CA LEU A 785 -1.55 -0.28 -27.71
C LEU A 785 -2.91 -0.33 -26.98
N ASP A 786 -3.94 0.02 -27.67
CA ASP A 786 -5.22 0.11 -27.01
C ASP A 786 -5.74 -1.30 -26.67
N ASN A 787 -6.49 -1.28 -25.64
CA ASN A 787 -7.20 -2.47 -25.15
C ASN A 787 -6.29 -3.67 -24.95
N THR A 788 -5.18 -3.42 -24.26
CA THR A 788 -4.14 -4.38 -24.07
C THR A 788 -3.66 -4.32 -22.59
N GLU A 789 -3.46 -5.50 -22.02
CA GLU A 789 -2.82 -5.62 -20.72
C GLU A 789 -1.59 -6.47 -20.92
N ILE A 790 -0.41 -6.01 -20.51
CA ILE A 790 0.85 -6.73 -20.69
CA ILE A 790 0.85 -6.73 -20.69
C ILE A 790 1.19 -7.45 -19.39
N VAL A 791 1.37 -8.76 -19.45
CA VAL A 791 1.70 -9.57 -18.29
C VAL A 791 3.09 -10.17 -18.46
N MET A 792 3.83 -10.26 -17.35
CA MET A 792 5.08 -10.97 -17.24
C MET A 792 4.83 -12.30 -16.54
N ARG A 793 5.14 -13.40 -17.16
CA ARG A 793 4.90 -14.73 -16.61
C ARG A 793 6.22 -15.44 -16.42
N LEU A 794 6.30 -16.24 -15.37
CA LEU A 794 7.34 -17.20 -15.07
C LEU A 794 6.77 -18.59 -15.23
N GLU A 795 7.47 -19.42 -16.01
CA GLU A 795 7.07 -20.81 -16.20
C GLU A 795 8.13 -21.69 -15.60
N THR A 796 7.76 -22.57 -14.68
CA THR A 796 8.63 -23.53 -14.03
C THR A 796 7.99 -24.90 -14.06
N HIS A 797 8.78 -25.88 -13.56
CA HIS A 797 8.22 -27.24 -13.43
C HIS A 797 7.93 -27.55 -11.97
N ILE A 798 7.91 -26.56 -11.04
CA ILE A 798 7.52 -26.71 -9.66
C ILE A 798 6.09 -27.24 -9.61
N ASP A 799 5.90 -28.32 -8.83
CA ASP A 799 4.61 -28.99 -8.75
C ASP A 799 3.70 -28.32 -7.68
N SER A 800 3.34 -27.08 -7.97
CA SER A 800 2.57 -26.29 -7.01
C SER A 800 1.08 -26.56 -7.07
N GLY A 801 0.59 -27.20 -8.11
CA GLY A 801 -0.79 -27.57 -8.29
C GLY A 801 -1.66 -26.35 -8.41
N ASP A 802 -2.56 -26.14 -7.46
CA ASP A 802 -3.48 -25.00 -7.46
C ASP A 802 -3.16 -24.01 -6.35
N ILE A 803 -2.02 -24.15 -5.69
CA ILE A 803 -1.67 -23.30 -4.56
C ILE A 803 -0.61 -22.27 -4.91
N PHE A 804 -0.76 -21.05 -4.40
CA PHE A 804 0.23 -20.02 -4.52
C PHE A 804 0.06 -19.10 -3.31
N TYR A 805 1.00 -18.20 -3.12
CA TYR A 805 1.00 -17.29 -1.99
C TYR A 805 1.20 -15.88 -2.47
N THR A 806 0.47 -14.93 -1.90
CA THR A 806 0.64 -13.52 -2.18
C THR A 806 0.64 -12.75 -0.88
N ASP A 807 1.19 -11.54 -0.87
CA ASP A 807 1.18 -10.81 0.40
C ASP A 807 -0.02 -9.87 0.51
N LEU A 808 -0.27 -9.46 1.75
CA LEU A 808 -1.26 -8.47 2.08
C LEU A 808 -0.51 -7.28 2.68
N ASN A 809 -0.51 -6.17 1.95
CA ASN A 809 0.00 -4.90 2.42
C ASN A 809 1.44 -4.96 2.86
N GLY A 810 2.28 -5.84 2.30
CA GLY A 810 3.64 -5.91 2.74
C GLY A 810 3.85 -6.45 4.14
N LEU A 811 2.80 -7.00 4.75
CA LEU A 811 2.81 -7.40 6.16
C LEU A 811 2.85 -8.90 6.36
N GLN A 812 2.19 -9.67 5.52
CA GLN A 812 1.97 -11.10 5.76
C GLN A 812 1.73 -11.74 4.38
N PHE A 813 2.01 -13.04 4.31
CA PHE A 813 1.75 -13.84 3.13
C PHE A 813 0.58 -14.79 3.41
N ILE A 814 -0.37 -14.80 2.51
CA ILE A 814 -1.59 -15.59 2.62
C ILE A 814 -1.61 -16.63 1.53
N LYS A 815 -2.05 -17.85 1.90
CA LYS A 815 -2.25 -18.93 0.95
C LYS A 815 -3.46 -18.64 0.08
N ARG A 816 -3.26 -18.80 -1.22
CA ARG A 816 -4.26 -18.69 -2.27
C ARG A 816 -4.48 -20.08 -2.90
N ARG A 817 -5.69 -20.32 -3.30
CA ARG A 817 -5.99 -21.54 -4.12
C ARG A 817 -6.71 -21.10 -5.36
N ARG A 818 -6.08 -21.42 -6.50
CA ARG A 818 -6.68 -21.18 -7.80
CA ARG A 818 -6.69 -21.17 -7.80
C ARG A 818 -8.01 -21.98 -7.92
N LEU A 819 -9.10 -21.38 -8.33
CA LEU A 819 -10.40 -22.06 -8.36
C LEU A 819 -10.87 -21.99 -9.81
N ASP A 820 -10.86 -23.16 -10.44
CA ASP A 820 -11.34 -23.24 -11.80
C ASP A 820 -12.87 -23.03 -11.95
N LYS A 821 -13.60 -23.09 -10.83
CA LYS A 821 -15.04 -22.76 -10.84
C LYS A 821 -15.28 -21.26 -10.93
N LEU A 822 -14.25 -20.43 -10.79
CA LEU A 822 -14.33 -18.98 -10.96
C LEU A 822 -13.59 -18.57 -12.22
N PRO A 823 -13.98 -17.46 -12.81
CA PRO A 823 -13.28 -16.99 -14.04
C PRO A 823 -11.86 -16.52 -13.76
N LEU A 824 -11.06 -16.41 -14.80
CA LEU A 824 -9.66 -16.06 -14.72
C LEU A 824 -9.43 -14.85 -13.81
N GLN A 825 -10.20 -13.79 -14.02
CA GLN A 825 -9.99 -12.53 -13.32
C GLN A 825 -10.25 -12.62 -11.82
N ALA A 826 -11.03 -13.65 -11.40
CA ALA A 826 -11.27 -13.88 -10.00
C ALA A 826 -10.07 -14.49 -9.30
N ASN A 827 -9.19 -15.12 -10.07
CA ASN A 827 -7.99 -15.75 -9.55
C ASN A 827 -6.81 -14.80 -9.51
N TYR A 828 -7.00 -13.53 -9.94
CA TYR A 828 -6.03 -12.45 -9.76
C TYR A 828 -6.20 -11.88 -8.38
N TYR A 829 -5.08 -11.59 -7.71
CA TYR A 829 -4.97 -11.06 -6.36
C TYR A 829 -4.00 -9.88 -6.38
N PRO A 830 -4.08 -9.04 -5.34
CA PRO A 830 -3.05 -7.99 -5.23
C PRO A 830 -1.71 -8.63 -4.98
N ILE A 831 -0.66 -8.06 -5.56
CA ILE A 831 0.73 -8.43 -5.28
C ILE A 831 1.41 -7.16 -4.76
N PRO A 832 1.11 -6.75 -3.50
CA PRO A 832 1.64 -5.49 -3.02
C PRO A 832 3.16 -5.56 -2.80
N SER A 833 3.75 -6.68 -2.53
CA SER A 833 5.20 -6.80 -2.37
C SER A 833 5.79 -8.12 -2.74
N GLY A 834 5.02 -9.20 -2.90
CA GLY A 834 5.63 -10.45 -3.30
C GLY A 834 4.62 -11.57 -3.49
N MET A 835 5.10 -12.61 -4.13
CA MET A 835 4.34 -13.79 -4.39
C MET A 835 5.28 -14.98 -4.52
N PHE A 836 4.77 -16.19 -4.25
CA PHE A 836 5.60 -17.38 -4.45
C PHE A 836 4.76 -18.62 -4.72
N ILE A 837 5.42 -19.59 -5.34
CA ILE A 837 4.92 -20.96 -5.47
C ILE A 837 5.94 -21.93 -4.94
N GLU A 838 5.49 -23.10 -4.49
CA GLU A 838 6.43 -24.09 -3.98
C GLU A 838 5.83 -25.47 -4.11
N ASP A 839 6.74 -26.44 -4.07
CA ASP A 839 6.38 -27.85 -3.85
C ASP A 839 7.19 -28.34 -2.65
N ALA A 840 7.29 -29.66 -2.48
CA ALA A 840 8.01 -30.20 -1.34
C ALA A 840 9.45 -29.75 -1.33
N ASN A 841 10.07 -29.52 -2.46
CA ASN A 841 11.50 -29.28 -2.52
C ASN A 841 11.94 -27.90 -2.96
N THR A 842 11.16 -27.22 -3.77
CA THR A 842 11.62 -26.00 -4.46
C THR A 842 10.58 -24.90 -4.31
N ARG A 843 11.06 -23.67 -4.14
CA ARG A 843 10.22 -22.49 -4.12
C ARG A 843 10.77 -21.43 -5.08
N LEU A 844 9.88 -20.72 -5.73
CA LEU A 844 10.23 -19.53 -6.52
C LEU A 844 9.45 -18.37 -5.93
N THR A 845 10.17 -17.34 -5.49
CA THR A 845 9.56 -16.13 -4.95
C THR A 845 9.91 -14.94 -5.84
N LEU A 846 8.90 -14.15 -6.19
CA LEU A 846 9.07 -12.88 -6.92
C LEU A 846 8.72 -11.75 -5.97
N LEU A 847 9.69 -10.93 -5.62
CA LEU A 847 9.50 -9.73 -4.78
C LEU A 847 9.35 -8.50 -5.69
N THR A 848 8.49 -7.57 -5.32
CA THR A 848 8.21 -6.41 -6.11
C THR A 848 8.54 -5.10 -5.41
N GLY A 849 8.88 -4.10 -6.21
CA GLY A 849 9.04 -2.74 -5.73
C GLY A 849 7.84 -1.84 -5.93
N GLN A 850 6.71 -2.44 -6.29
CA GLN A 850 5.47 -1.71 -6.58
C GLN A 850 4.34 -2.71 -6.53
N PRO A 851 3.16 -2.27 -6.11
CA PRO A 851 1.99 -3.17 -6.12
C PRO A 851 1.45 -3.34 -7.53
N LEU A 852 1.17 -4.58 -7.91
CA LEU A 852 0.65 -4.95 -9.22
C LEU A 852 -0.31 -6.13 -9.01
N GLY A 853 -1.11 -6.47 -10.00
CA GLY A 853 -1.97 -7.64 -9.91
C GLY A 853 -1.29 -8.88 -10.43
N GLY A 854 -1.66 -10.05 -9.88
CA GLY A 854 -1.03 -11.27 -10.34
C GLY A 854 -1.72 -12.52 -9.92
N SER A 855 -1.19 -13.65 -10.39
CA SER A 855 -1.83 -14.95 -10.11
C SER A 855 -0.86 -16.06 -10.38
N SER A 856 -1.33 -17.28 -10.16
CA SER A 856 -0.72 -18.51 -10.70
C SER A 856 -1.83 -19.27 -11.38
N LEU A 857 -1.91 -19.18 -12.74
CA LEU A 857 -3.04 -19.76 -13.48
C LEU A 857 -2.85 -21.20 -13.85
N ALA A 858 -1.69 -21.74 -13.59
CA ALA A 858 -1.40 -23.15 -13.81
C ALA A 858 -0.27 -23.54 -12.89
N SER A 859 -0.22 -24.81 -12.56
CA SER A 859 0.83 -25.37 -11.77
C SER A 859 2.17 -24.96 -12.36
N GLY A 860 3.06 -24.50 -11.52
CA GLY A 860 4.41 -24.07 -11.83
C GLY A 860 4.54 -22.68 -12.38
N GLU A 861 3.47 -21.90 -12.46
CA GLU A 861 3.53 -20.56 -13.02
C GLU A 861 3.34 -19.49 -11.96
N LEU A 862 3.91 -18.33 -12.23
CA LEU A 862 3.62 -17.08 -11.55
C LEU A 862 3.39 -16.02 -12.64
N GLU A 863 2.52 -15.09 -12.45
CA GLU A 863 2.39 -13.99 -13.42
C GLU A 863 1.99 -12.72 -12.71
N ILE A 864 2.45 -11.60 -13.27
CA ILE A 864 2.22 -10.29 -12.68
C ILE A 864 2.02 -9.27 -13.79
N MET A 865 0.97 -8.50 -13.74
CA MET A 865 0.62 -7.54 -14.75
C MET A 865 1.53 -6.30 -14.66
N GLN A 866 1.97 -5.84 -15.83
CA GLN A 866 2.90 -4.71 -15.91
C GLN A 866 2.21 -3.38 -16.16
N ASP A 867 1.26 -3.32 -17.10
CA ASP A 867 0.46 -2.13 -17.38
C ASP A 867 -0.77 -2.56 -18.18
N ARG A 868 -1.72 -1.68 -18.24
CA ARG A 868 -2.98 -1.90 -18.95
C ARG A 868 -3.45 -0.57 -19.54
N ARG A 869 -3.90 -0.62 -20.79
CA ARG A 869 -4.36 0.52 -21.55
C ARG A 869 -5.72 0.16 -22.13
N LEU A 870 -6.74 0.87 -21.71
CA LEU A 870 -8.15 0.49 -21.89
C LEU A 870 -8.97 1.65 -22.40
N ALA A 871 -9.61 1.45 -23.56
CA ALA A 871 -10.36 2.53 -24.14
C ALA A 871 -11.70 2.82 -23.49
N SER A 872 -12.28 1.82 -22.83
CA SER A 872 -13.63 1.96 -22.35
C SER A 872 -13.71 2.22 -20.87
N ASP A 873 -14.80 2.89 -20.53
CA ASP A 873 -15.26 3.01 -19.16
C ASP A 873 -15.91 1.72 -18.71
N ASP A 874 -15.77 1.34 -17.44
CA ASP A 874 -16.29 0.07 -16.89
C ASP A 874 -17.49 0.29 -15.94
N GLU A 875 -18.22 1.38 -16.13
CA GLU A 875 -19.56 1.51 -15.54
C GLU A 875 -19.55 1.61 -14.02
N ARG A 876 -18.47 2.10 -13.42
CA ARG A 876 -18.35 2.27 -11.96
C ARG A 876 -18.21 3.75 -11.59
N GLY A 877 -18.48 4.63 -12.51
CA GLY A 877 -18.54 6.06 -12.23
C GLY A 877 -17.38 6.89 -12.66
N LEU A 878 -16.30 6.27 -13.11
CA LEU A 878 -15.12 7.07 -13.48
C LEU A 878 -15.35 7.84 -14.75
N GLY A 879 -16.09 7.31 -15.72
CA GLY A 879 -16.44 8.01 -16.93
C GLY A 879 -15.29 8.22 -17.89
N GLN A 880 -14.29 7.35 -17.87
CA GLN A 880 -13.22 7.37 -18.86
C GLN A 880 -12.56 5.99 -18.80
N GLY A 881 -11.83 5.67 -19.85
CA GLY A 881 -10.90 4.56 -19.87
C GLY A 881 -9.58 4.96 -19.20
N VAL A 882 -8.57 4.15 -19.46
CA VAL A 882 -7.19 4.33 -18.98
C VAL A 882 -6.31 4.46 -20.20
N LEU A 883 -6.07 5.72 -20.57
CA LEU A 883 -5.34 6.05 -21.81
C LEU A 883 -4.21 7.04 -21.53
N ASP A 884 -3.82 7.18 -20.27
CA ASP A 884 -2.82 8.13 -19.84
C ASP A 884 -1.54 7.42 -19.36
N ASN A 885 -1.27 6.26 -19.90
CA ASN A 885 -0.08 5.51 -19.57
C ASN A 885 1.15 6.33 -19.83
N LYS A 886 2.18 6.08 -19.05
CA LYS A 886 3.50 6.66 -19.26
C LYS A 886 4.54 5.63 -18.85
N PRO A 887 5.75 5.79 -19.39
CA PRO A 887 6.83 4.84 -19.06
C PRO A 887 7.04 4.73 -17.56
N VAL A 888 7.19 3.47 -17.11
CA VAL A 888 7.43 3.16 -15.70
C VAL A 888 8.52 2.12 -15.62
N LEU A 889 9.40 2.25 -14.64
CA LEU A 889 10.43 1.27 -14.34
C LEU A 889 9.98 0.41 -13.18
N HIS A 890 9.51 -0.79 -13.46
CA HIS A 890 9.17 -1.77 -12.46
C HIS A 890 10.40 -2.54 -12.03
N ILE A 891 10.52 -2.81 -10.71
CA ILE A 891 11.68 -3.53 -10.19
C ILE A 891 11.25 -4.75 -9.39
N TYR A 892 12.08 -5.75 -9.39
CA TYR A 892 11.81 -7.04 -8.78
C TYR A 892 13.11 -7.70 -8.34
N ARG A 893 12.96 -8.71 -7.46
CA ARG A 893 14.01 -9.70 -7.19
C ARG A 893 13.38 -11.08 -7.37
N LEU A 894 14.16 -12.00 -7.95
CA LEU A 894 13.70 -13.34 -8.25
C LEU A 894 14.55 -14.35 -7.46
N VAL A 895 13.90 -15.06 -6.54
CA VAL A 895 14.59 -15.93 -5.62
C VAL A 895 14.14 -17.37 -5.81
N LEU A 896 15.01 -18.20 -6.39
CA LEU A 896 14.81 -19.66 -6.45
C LEU A 896 15.56 -20.27 -5.29
N GLU A 897 14.86 -21.12 -4.55
CA GLU A 897 15.49 -21.75 -3.38
C GLU A 897 15.00 -23.20 -3.17
N LYS A 898 15.84 -23.97 -2.52
CA LYS A 898 15.48 -25.28 -2.01
C LYS A 898 14.85 -25.07 -0.64
N VAL A 899 13.69 -25.68 -0.44
CA VAL A 899 12.92 -25.54 0.79
C VAL A 899 12.63 -26.88 1.46
N ASN A 900 13.22 -27.99 0.99
CA ASN A 900 12.95 -29.28 1.61
C ASN A 900 13.39 -29.36 3.06
N ASN A 901 14.30 -28.56 3.51
CA ASN A 901 14.74 -28.59 4.89
C ASN A 901 14.06 -27.55 5.75
N CYS A 902 13.21 -26.69 5.18
CA CYS A 902 12.54 -25.65 5.93
C CYS A 902 11.37 -26.16 6.74
N VAL A 903 11.25 -25.61 7.97
CA VAL A 903 10.10 -25.92 8.79
C VAL A 903 8.95 -25.06 8.36
N ARG A 904 8.01 -25.65 7.65
CA ARG A 904 6.88 -24.91 7.07
C ARG A 904 5.58 -25.18 7.87
N PRO A 905 4.60 -24.31 7.68
CA PRO A 905 3.29 -24.62 8.27
C PRO A 905 2.72 -25.92 7.69
N SER A 906 1.79 -26.55 8.42
CA SER A 906 1.12 -27.72 7.95
C SER A 906 0.25 -27.38 6.75
N LYS A 907 -0.19 -28.42 6.08
CA LYS A 907 -1.02 -28.24 4.88
C LYS A 907 -2.32 -27.50 5.14
N LEU A 908 -2.82 -27.46 6.37
CA LEU A 908 -4.09 -26.77 6.67
C LEU A 908 -3.91 -25.34 7.16
N HIS A 909 -2.65 -24.90 7.35
CA HIS A 909 -2.43 -23.53 7.82
C HIS A 909 -2.65 -22.53 6.73
N PRO A 910 -3.35 -21.44 6.96
CA PRO A 910 -3.65 -20.45 5.91
C PRO A 910 -2.52 -19.48 5.56
N ALA A 911 -1.40 -19.50 6.28
CA ALA A 911 -0.31 -18.56 6.02
C ALA A 911 0.87 -19.21 5.36
N GLY A 912 1.75 -18.41 4.80
CA GLY A 912 3.10 -18.79 4.43
C GLY A 912 4.09 -17.72 4.91
N TYR A 913 5.37 -18.06 4.85
CA TYR A 913 6.43 -17.20 5.36
C TYR A 913 7.62 -17.23 4.43
N LEU A 914 8.28 -16.09 4.30
CA LEU A 914 9.50 -15.96 3.54
C LEU A 914 10.67 -16.61 4.24
N THR A 915 11.70 -16.94 3.42
CA THR A 915 13.02 -17.23 3.89
C THR A 915 13.78 -15.92 4.11
N SER A 916 14.91 -16.04 4.83
CA SER A 916 15.81 -14.90 5.02
CA SER A 916 15.80 -14.90 5.03
C SER A 916 16.19 -14.25 3.71
N ALA A 917 16.57 -15.01 2.70
CA ALA A 917 17.04 -14.43 1.46
C ALA A 917 15.93 -13.68 0.77
N ALA A 918 14.69 -14.20 0.80
CA ALA A 918 13.59 -13.48 0.15
C ALA A 918 13.20 -12.22 0.88
N HIS A 919 13.27 -12.26 2.20
CA HIS A 919 12.95 -11.06 2.99
C HIS A 919 14.01 -9.96 2.75
N LYS A 920 15.29 -10.33 2.77
CA LYS A 920 16.32 -9.33 2.47
C LYS A 920 16.16 -8.81 1.06
N ALA A 921 15.79 -9.68 0.12
CA ALA A 921 15.54 -9.18 -1.26
C ALA A 921 14.40 -8.19 -1.31
N SER A 922 13.31 -8.43 -0.57
CA SER A 922 12.23 -7.45 -0.48
C SER A 922 12.73 -6.11 0.09
N GLN A 923 13.51 -6.18 1.18
CA GLN A 923 14.05 -4.96 1.77
C GLN A 923 14.94 -4.21 0.79
N SER A 924 15.67 -4.91 -0.07
CA SER A 924 16.56 -4.31 -1.06
CA SER A 924 16.56 -4.24 -1.00
C SER A 924 15.76 -3.48 -2.05
N LEU A 925 14.52 -3.84 -2.31
CA LEU A 925 13.65 -3.14 -3.22
C LEU A 925 12.94 -1.98 -2.54
N LEU A 926 12.42 -2.17 -1.34
CA LEU A 926 11.59 -1.17 -0.68
C LEU A 926 12.39 -0.15 0.11
N ASP A 927 13.48 -0.56 0.72
CA ASP A 927 14.28 0.35 1.54
C ASP A 927 15.75 0.22 1.19
N PRO A 928 16.11 0.60 -0.03
CA PRO A 928 17.52 0.54 -0.43
C PRO A 928 18.35 1.56 0.37
N LEU A 929 19.66 1.47 0.21
CA LEU A 929 20.50 2.57 0.67
C LEU A 929 20.11 3.85 -0.04
N ASP A 930 20.14 4.98 0.67
CA ASP A 930 20.03 6.31 0.06
C ASP A 930 21.44 6.84 -0.27
N LYS A 931 21.53 7.55 -1.36
CA LYS A 931 22.81 8.04 -1.87
C LYS A 931 22.81 9.53 -2.00
N PHE A 932 23.82 10.21 -1.47
CA PHE A 932 23.97 11.65 -1.44
C PHE A 932 25.29 12.08 -2.07
N ILE A 933 25.23 13.07 -2.92
CA ILE A 933 26.42 13.62 -3.60
C ILE A 933 26.68 15.00 -3.05
N PHE A 934 27.88 15.26 -2.47
CA PHE A 934 28.14 16.58 -1.92
C PHE A 934 28.16 17.61 -3.05
N ALA A 935 27.45 18.71 -2.88
CA ALA A 935 27.17 19.61 -3.98
C ALA A 935 28.30 20.59 -4.25
N GLU A 936 29.02 21.06 -3.25
CA GLU A 936 30.10 22.02 -3.39
C GLU A 936 31.41 21.31 -3.64
N ASN A 937 32.46 22.11 -3.82
CA ASN A 937 33.77 21.51 -4.17
C ASN A 937 34.48 20.94 -2.98
N GLU A 938 34.36 21.52 -1.79
CA GLU A 938 35.04 21.01 -0.60
C GLU A 938 34.08 21.03 0.60
N TRP A 939 34.07 19.88 1.27
CA TRP A 939 33.26 19.70 2.50
C TRP A 939 34.19 19.83 3.69
N ILE A 940 34.19 21.02 4.29
CA ILE A 940 35.01 21.32 5.47
C ILE A 940 34.41 20.65 6.72
N GLY A 941 35.25 19.92 7.44
CA GLY A 941 34.77 19.24 8.64
C GLY A 941 34.09 17.90 8.44
N ALA A 942 34.19 17.33 7.26
CA ALA A 942 33.55 16.05 6.91
C ALA A 942 34.01 14.92 7.83
N GLN A 943 33.10 14.04 8.20
CA GLN A 943 33.32 12.87 9.01
C GLN A 943 32.96 11.64 8.20
N GLY A 944 33.53 10.51 8.56
CA GLY A 944 33.48 9.32 7.77
C GLY A 944 32.29 8.40 8.03
N GLN A 945 31.66 8.51 9.20
CA GLN A 945 30.61 7.57 9.55
C GLN A 945 29.73 8.15 10.64
N PHE A 946 28.49 7.72 10.68
CA PHE A 946 27.54 7.94 11.75
C PHE A 946 26.85 6.63 12.08
N GLY A 947 26.72 6.29 13.34
CA GLY A 947 25.95 5.16 13.75
C GLY A 947 26.73 3.91 13.92
N GLY A 948 28.06 3.95 13.94
CA GLY A 948 28.85 2.78 14.12
C GLY A 948 28.60 2.06 15.42
N ASP A 949 28.09 2.76 16.44
CA ASP A 949 27.74 2.23 17.74
C ASP A 949 26.27 1.86 17.86
N HIS A 950 25.50 1.99 16.78
CA HIS A 950 24.09 1.52 16.85
C HIS A 950 23.99 0.02 16.89
N PRO A 951 23.13 -0.57 17.71
CA PRO A 951 23.00 -2.04 17.71
C PRO A 951 22.57 -2.57 16.36
N SER A 952 23.14 -3.72 15.97
CA SER A 952 22.80 -4.40 14.73
C SER A 952 21.84 -5.53 15.10
N ALA A 953 20.55 -5.30 14.87
CA ALA A 953 19.48 -6.16 15.34
C ALA A 953 19.29 -7.37 14.47
N ARG A 954 18.68 -8.40 15.04
N ARG A 954 18.68 -8.40 15.04
CA ARG A 954 18.34 -9.60 14.32
CA ARG A 954 18.33 -9.61 14.31
C ARG A 954 17.59 -9.26 13.02
C ARG A 954 17.59 -9.26 13.02
N GLU A 955 17.90 -10.06 12.01
CA GLU A 955 17.46 -9.76 10.66
C GLU A 955 15.94 -9.66 10.47
N ASP A 956 15.14 -10.31 11.31
CA ASP A 956 13.68 -10.25 11.22
C ASP A 956 13.09 -9.02 11.87
N LEU A 957 13.87 -8.19 12.53
CA LEU A 957 13.36 -7.00 13.20
C LEU A 957 13.64 -5.76 12.35
N ASP A 958 12.64 -4.88 12.28
CA ASP A 958 12.77 -3.58 11.65
C ASP A 958 12.31 -2.45 12.57
N VAL A 959 12.94 -1.30 12.44
CA VAL A 959 12.47 -0.01 12.97
C VAL A 959 11.69 0.64 11.81
N SER A 960 10.42 0.30 11.72
CA SER A 960 9.58 0.74 10.64
C SER A 960 9.43 2.25 10.59
N VAL A 961 9.37 2.85 11.77
CA VAL A 961 9.21 4.29 11.96
C VAL A 961 10.14 4.73 13.09
N MET A 962 10.88 5.81 12.86
CA MET A 962 11.49 6.62 13.90
C MET A 962 11.08 8.06 13.64
N ARG A 963 10.44 8.67 14.64
CA ARG A 963 9.84 9.99 14.44
C ARG A 963 9.99 10.80 15.78
N ARG A 964 10.67 11.95 15.67
CA ARG A 964 10.68 12.84 16.85
C ARG A 964 9.31 13.49 16.95
N LEU A 965 8.68 13.48 18.11
CA LEU A 965 7.32 13.85 18.35
C LEU A 965 7.19 15.26 18.92
N THR A 966 8.25 15.89 19.32
CA THR A 966 8.29 17.21 19.92
C THR A 966 9.11 18.17 19.11
N LYS A 967 8.67 19.41 19.13
CA LYS A 967 9.44 20.53 18.61
C LYS A 967 10.48 20.96 19.62
N SER A 968 11.39 21.85 19.17
CA SER A 968 12.58 22.14 19.97
C SER A 968 12.28 22.90 21.26
N SER A 969 11.11 23.53 21.36
CA SER A 969 10.76 24.29 22.56
C SER A 969 10.37 23.38 23.71
N ALA A 970 10.13 22.09 23.51
CA ALA A 970 9.71 21.21 24.58
C ALA A 970 10.88 20.86 25.48
N LYS A 971 10.74 21.08 26.77
CA LYS A 971 11.75 20.74 27.76
C LYS A 971 12.03 19.26 27.73
N THR A 972 10.98 18.45 27.63
CA THR A 972 11.16 17.01 27.54
C THR A 972 10.93 16.56 26.11
N GLN A 973 12.00 16.14 25.43
CA GLN A 973 11.88 15.68 24.04
C GLN A 973 11.35 14.26 24.06
N ARG A 974 10.57 13.92 23.02
CA ARG A 974 9.98 12.59 22.86
C ARG A 974 10.24 12.08 21.43
N VAL A 975 10.67 10.83 21.37
CA VAL A 975 10.93 10.16 20.09
C VAL A 975 10.10 8.88 20.06
N GLY A 976 9.37 8.68 18.97
CA GLY A 976 8.55 7.49 18.77
C GLY A 976 9.18 6.53 17.81
N TYR A 977 9.02 5.27 18.09
CA TYR A 977 9.50 4.16 17.26
C TYR A 977 8.38 3.16 17.06
N VAL A 978 8.21 2.67 15.82
CA VAL A 978 7.38 1.51 15.55
C VAL A 978 8.33 0.38 15.18
N LEU A 979 8.25 -0.71 15.91
CA LEU A 979 9.10 -1.87 15.71
CA LEU A 979 9.08 -1.90 15.80
C LEU A 979 8.24 -3.02 15.18
N HIS A 980 8.68 -3.62 14.09
CA HIS A 980 7.95 -4.73 13.48
C HIS A 980 8.91 -5.94 13.42
N ARG A 981 8.47 -7.08 13.87
CA ARG A 981 9.20 -8.33 13.63
CA ARG A 981 9.20 -8.33 13.63
C ARG A 981 8.42 -9.21 12.69
N THR A 982 9.05 -9.60 11.60
CA THR A 982 8.42 -10.53 10.68
C THR A 982 8.66 -11.94 11.21
N ASN A 983 8.28 -12.97 10.45
CA ASN A 983 8.62 -14.34 10.78
C ASN A 983 9.25 -14.97 9.54
N LEU A 984 10.47 -15.46 9.71
CA LEU A 984 11.24 -16.08 8.65
C LEU A 984 11.32 -17.58 8.89
N MET A 985 11.31 -18.35 7.83
CA MET A 985 11.41 -19.82 8.05
C MET A 985 12.73 -20.28 8.59
N GLN A 986 12.65 -21.33 9.42
CA GLN A 986 13.83 -22.03 9.93
CA GLN A 986 13.81 -22.05 9.94
C GLN A 986 14.22 -23.04 8.86
N CYS A 987 15.39 -22.89 8.22
CA CYS A 987 15.82 -23.81 7.17
C CYS A 987 17.18 -24.39 7.48
N GLY A 988 17.68 -24.34 8.71
CA GLY A 988 18.96 -25.00 9.01
C GLY A 988 20.16 -24.09 8.96
N THR A 989 19.98 -22.76 8.81
CA THR A 989 21.16 -21.89 8.86
C THR A 989 21.42 -21.46 10.30
N PRO A 990 22.59 -21.78 10.85
CA PRO A 990 22.79 -21.48 12.30
C PRO A 990 22.61 -19.99 12.55
N GLU A 991 22.95 -19.13 11.58
CA GLU A 991 22.80 -17.68 11.61
C GLU A 991 22.56 -16.94 12.92
N GLU A 992 23.48 -16.73 13.89
CA GLU A 992 22.97 -15.94 15.02
C GLU A 992 23.74 -14.66 15.36
N HIS A 993 24.51 -14.61 16.43
CA HIS A 993 25.09 -13.50 17.15
C HIS A 993 24.61 -12.14 16.67
N THR A 994 23.56 -11.59 17.31
CA THR A 994 23.26 -10.17 17.02
C THR A 994 23.06 -9.44 18.33
N GLN A 995 22.92 -8.12 18.27
CA GLN A 995 22.72 -7.42 19.53
C GLN A 995 21.28 -7.07 19.74
N LYS A 996 20.88 -7.05 21.01
CA LYS A 996 19.57 -6.58 21.38
C LYS A 996 19.40 -5.12 21.00
N LEU A 997 18.26 -4.82 20.40
CA LEU A 997 17.98 -3.42 20.09
C LEU A 997 16.97 -2.89 21.07
N ASP A 998 17.38 -1.88 21.83
CA ASP A 998 16.54 -1.18 22.77
C ASP A 998 16.38 0.23 22.23
N VAL A 999 15.26 0.48 21.55
CA VAL A 999 15.10 1.80 20.94
C VAL A 999 15.08 2.90 21.97
N CYS A 1000 14.73 2.63 23.23
CA CYS A 1000 14.64 3.72 24.21
C CYS A 1000 16.00 4.27 24.58
N HIS A 1001 17.08 3.54 24.26
CA HIS A 1001 18.42 4.09 24.56
C HIS A 1001 19.17 4.52 23.31
N LEU A 1002 18.50 4.65 22.15
CA LEU A 1002 19.18 5.11 20.95
C LEU A 1002 19.58 6.58 21.05
N LEU A 1003 18.80 7.38 21.74
CA LEU A 1003 19.16 8.76 22.05
C LEU A 1003 19.59 8.84 23.52
N PRO A 1004 20.51 9.71 23.82
CA PRO A 1004 21.02 9.83 25.20
C PRO A 1004 20.04 10.55 26.09
N ASN A 1005 20.38 10.42 27.38
CA ASN A 1005 19.65 11.08 28.46
C ASN A 1005 18.20 10.64 28.58
N VAL A 1006 17.93 9.35 28.36
CA VAL A 1006 16.55 8.87 28.50
C VAL A 1006 16.13 9.01 29.94
N ALA A 1007 14.91 9.51 30.09
CA ALA A 1007 14.26 9.69 31.39
C ALA A 1007 13.02 8.85 31.57
N ARG A 1008 12.41 8.36 30.49
CA ARG A 1008 11.24 7.48 30.55
C ARG A 1008 11.14 6.75 29.20
N CYS A 1009 10.56 5.57 29.26
CA CYS A 1009 10.29 4.77 28.06
C CYS A 1009 8.86 4.24 28.24
N GLU A 1010 8.00 4.40 27.27
CA GLU A 1010 6.62 3.93 27.33
C GLU A 1010 6.28 3.13 26.09
N ARG A 1011 5.53 2.05 26.27
CA ARG A 1011 4.85 1.37 25.17
C ARG A 1011 3.57 2.13 24.87
N THR A 1012 3.29 2.41 23.61
CA THR A 1012 2.13 3.18 23.18
C THR A 1012 1.34 2.41 22.14
N THR A 1013 0.15 2.92 21.84
CA THR A 1013 -0.54 2.52 20.63
C THR A 1013 0.32 2.89 19.42
N LEU A 1014 0.04 2.30 18.26
CA LEU A 1014 0.92 2.50 17.08
C LEU A 1014 0.92 3.92 16.54
N THR A 1015 -0.11 4.70 16.87
CA THR A 1015 -0.21 6.09 16.52
C THR A 1015 0.52 7.05 17.48
N PHE A 1016 1.08 6.47 18.55
CA PHE A 1016 1.77 7.19 19.61
C PHE A 1016 0.83 7.97 20.52
N LEU A 1017 -0.47 7.82 20.40
CA LEU A 1017 -1.40 8.73 21.09
C LEU A 1017 -1.84 8.29 22.45
N GLN A 1018 -1.58 7.07 22.89
CA GLN A 1018 -1.96 6.61 24.20
C GLN A 1018 -0.82 5.79 24.79
N ASN A 1019 -0.46 6.10 26.05
CA ASN A 1019 0.52 5.30 26.76
C ASN A 1019 -0.12 4.05 27.31
N LEU A 1020 0.46 2.92 27.06
CA LEU A 1020 -0.07 1.61 27.43
C LEU A 1020 0.73 0.99 28.58
N GLU A 1021 2.02 1.22 28.63
CA GLU A 1021 2.85 0.63 29.70
C GLU A 1021 4.05 1.51 29.98
N HIS A 1022 4.32 1.75 31.27
CA HIS A 1022 5.53 2.44 31.69
C HIS A 1022 6.64 1.41 31.87
N LEU A 1023 7.75 1.49 31.16
CA LEU A 1023 8.70 0.40 31.14
C LEU A 1023 9.81 0.54 32.14
N ASP A 1024 9.96 -0.52 32.92
CA ASP A 1024 11.06 -0.66 33.89
C ASP A 1024 12.39 -0.62 33.16
N GLY A 1025 13.24 0.15 33.79
CA GLY A 1025 14.63 0.23 33.34
C GLY A 1025 14.71 1.13 32.13
N MET A 1026 13.60 1.71 31.69
CA MET A 1026 13.58 2.48 30.45
C MET A 1026 14.06 1.67 29.26
N VAL A 1027 13.76 0.37 29.29
CA VAL A 1027 14.16 -0.55 28.22
C VAL A 1027 12.94 -1.01 27.46
N ALA A 1028 12.99 -0.91 26.14
CA ALA A 1028 11.93 -1.21 25.21
C ALA A 1028 12.14 -2.66 24.85
N PRO A 1029 11.33 -3.58 25.28
CA PRO A 1029 11.65 -4.93 24.78
C PRO A 1029 11.41 -5.12 23.30
N GLU A 1030 12.13 -6.05 22.68
CA GLU A 1030 11.77 -6.43 21.30
C GLU A 1030 10.45 -7.22 21.36
N VAL A 1031 9.94 -7.34 20.17
CA VAL A 1031 8.63 -7.84 19.88
C VAL A 1031 8.72 -9.28 19.36
N CYS A 1032 7.60 -9.97 19.45
CA CYS A 1032 7.47 -11.32 18.95
C CYS A 1032 7.29 -11.40 17.45
N PRO A 1033 7.56 -12.56 16.87
CA PRO A 1033 7.29 -12.73 15.43
C PRO A 1033 5.87 -12.39 15.05
N MET A 1034 5.75 -11.63 13.98
CA MET A 1034 4.49 -11.12 13.39
C MET A 1034 3.84 -10.03 14.24
N GLU A 1035 4.49 -9.59 15.30
CA GLU A 1035 4.00 -8.49 16.10
CA GLU A 1035 4.00 -8.50 16.14
C GLU A 1035 4.63 -7.15 15.71
N THR A 1036 3.92 -6.07 16.03
CA THR A 1036 4.31 -4.71 15.84
C THR A 1036 4.00 -3.98 17.14
N ALA A 1037 4.95 -3.20 17.65
CA ALA A 1037 4.82 -2.47 18.87
C ALA A 1037 5.32 -1.05 18.65
N ALA A 1038 4.88 -0.13 19.47
CA ALA A 1038 5.34 1.25 19.43
C ALA A 1038 5.85 1.64 20.81
N TYR A 1039 6.94 2.40 20.80
CA TYR A 1039 7.55 2.91 22.02
C TYR A 1039 7.84 4.39 21.85
N VAL A 1040 7.77 5.11 22.97
CA VAL A 1040 8.16 6.51 22.99
C VAL A 1040 9.16 6.66 24.10
N SER A 1041 10.35 7.23 23.74
CA SER A 1041 11.38 7.55 24.72
C SER A 1041 11.31 9.07 24.99
N SER A 1042 11.47 9.44 26.25
CA SER A 1042 11.51 10.82 26.68
C SER A 1042 12.90 11.15 27.21
N HIS A 1043 13.36 12.36 26.88
CA HIS A 1043 14.74 12.75 27.09
C HIS A 1043 14.81 14.11 27.75
N SER A 1044 15.62 14.19 28.78
CA SER A 1044 15.77 15.30 29.63
C SER A 1044 16.77 16.29 29.04
N SER A 1045 17.50 15.91 28.01
CA SER A 1045 18.57 16.69 27.45
C SER A 1045 18.85 16.60 25.96
C1 NAG B . -10.45 16.00 26.67
C2 NAG B . -10.79 17.10 27.65
C3 NAG B . -10.57 16.60 29.07
C4 NAG B . -11.47 15.38 29.28
C5 NAG B . -11.57 14.41 28.13
C6 NAG B . -12.91 13.64 28.17
C7 NAG B . -10.72 19.29 26.82
C8 NAG B . -12.16 19.38 27.34
N2 NAG B . -10.00 18.33 27.45
O3 NAG B . -10.98 17.69 29.92
O4 NAG B . -11.15 14.71 30.53
O5 NAG B . -11.46 14.98 26.83
O6 NAG B . -12.86 12.52 27.26
O7 NAG B . -10.28 20.00 25.92
ZN ZN C . -15.27 6.32 -2.28
C15 GB6 D . -21.34 5.15 -8.56
C14 GB6 D . -21.38 5.75 -9.81
C13 GB6 D . -21.29 7.13 -9.97
C12 GB6 D . -21.18 7.98 -8.87
C11 GB6 D . -21.15 7.45 -7.59
C10 GB6 D . -21.23 6.07 -7.39
C8 GB6 D . -21.22 5.44 -5.98
C9 GB6 D . -22.38 6.17 -5.21
O9 GB6 D . -22.52 5.41 -4.02
N7 GB6 D . -19.90 5.68 -5.27
C6 GB6 D . -18.74 5.22 -6.07
C5 GB6 D . -17.43 5.18 -5.29
N1 GB6 D . -16.41 4.58 -6.19
C2 GB6 D . -15.26 5.23 -6.28
O2 GB6 D . -14.25 4.90 -6.92
C3 GB6 D . -15.35 6.50 -5.43
O3 GB6 D . -14.47 6.28 -4.28
C4 GB6 D . -16.80 6.57 -5.02
O4 GB6 D . -16.96 6.94 -3.64
C1 MRD E . -28.43 -7.06 -9.57
C2 MRD E . -27.87 -5.89 -8.78
O2 MRD E . -27.08 -6.47 -7.73
CM MRD E . -27.02 -5.07 -9.77
C3 MRD E . -29.11 -5.14 -8.33
C4 MRD E . -28.80 -3.94 -7.38
O4 MRD E . -30.00 -3.83 -6.54
C5 MRD E . -28.64 -2.66 -8.20
C1 MPD F . 14.88 23.85 -2.80
C2 MPD F . 13.35 23.71 -2.60
O2 MPD F . 12.83 24.96 -2.10
CM MPD F . 12.71 23.48 -3.99
C3 MPD F . 12.98 22.60 -1.64
C4 MPD F . 11.46 22.52 -1.34
O4 MPD F . 10.87 21.97 -2.53
C5 MPD F . 11.25 21.53 -0.16
#